data_9J31
#
_entry.id   9J31
#
_cell.length_a   1.00
_cell.length_b   1.00
_cell.length_c   1.00
_cell.angle_alpha   90.00
_cell.angle_beta   90.00
_cell.angle_gamma   90.00
#
_symmetry.space_group_name_H-M   'P 1'
#
loop_
_entity.id
_entity.type
_entity.pdbx_description
1 polymer 'Guanine nucleotide-binding protein G(I)/G(S)/G(T) subunit beta-1'
2 polymer scfv16
3 polymer 'Guanine nucleotide-binding protein G(s) subunit alpha isoforms short'
4 polymer 'Soluble cytochrome b562,G-protein coupled receptor 4,lgBit'
5 polymer 'Guanine nucleotide-binding protein G(I)/G(S)/G(O) subunit gamma-2'
#
loop_
_entity_poly.entity_id
_entity_poly.type
_entity_poly.pdbx_seq_one_letter_code
_entity_poly.pdbx_strand_id
1 'polypeptide(L)'
;MSELDQLRQEAEQLKNQIRDARKACADATLSQITNNIDPVGRIQMRTRRTLRGHLAKIYAMHWGTDSRLLVSASQDGKLI
IWDSYTTNKVHAIPLRSSWVMTCAYAPSGNYVACGGLDNICSIYNLKTREGNVRVSRELAGHTGYLSCCRFLDDNQIVTS
SGDTTCALWDIETGQQTTTFTGHTGDVMSLSLAPDTRLFVSGACDASAKLWDVREGMCRQTFTGHESDINAICFFPNGNA
FATGSDDATCRLFDLRADQELMTYSHDNIICGITSVSFSKSGRLLLAGYDDFNCNVWDALKADRAGVLAGHDNRVSCLGV
TDDGMAVATGSWDSFLKIWNGSSGGGGSGGGGSSGVSGWRLFKKIS
;
B
2 'polypeptide(L)'
;MLLVNQSHQGFNKEHTSKMVSAIVLYVLLAAAAHSAFADVQLVESGGGLVQPGGSRKLSCSASGFAFSSFGMHWVRQAPE
KGLEWVAYISSGSGTIYYADTVKGRFTISRDDPKNTLFLQMTSLRSEDTAMYYCVRSIYYYGSSPFDFWGQGTTLTVSSG
GGGSGGGGSGGGGSDIVMTQATSSVPVTPGESVSISCRSSKSLLHSNGNTYLYWFLQRPGQSPQLLIYRMSNLASGVPDR
FSGSGSGTAFTLTISRLEAEDVGVYYCMQHLEYPLTFGAGTKLELKAAAENLYFQ
;
D
3 'polypeptide(L)'
;GSATVSAEDKAAAERSKMIEKQLQKDKQVYRATHRLLLLGADNSGKSTIVKQMRIYHGGSGGSGGTSGIFETKFQVDKVN
FHMFDVGGQRDERRKWIQCFNDVTAIIFVVDSSDYNRLQEALNDFKSIWNNRWLRTISVILFLNKQDLLAEKVLAGKSKI
EDYFPEFARYTTPEDATPEPGEDPRVTRAKYFIRDEFLRISTASGDGRHYCYPHFTCAVDTENARRIFNDCRDIIQRMHL
RQYELL
;
A
4 'polypeptide(L)'
;MKTIIALSYIFCLVFADYKDDDDAADLEDNWETLNDNLKVIEKADNAAQVKDALTKMRAAALDAQKATPPKLEDKSPDSP
EMKDFRHGFDILVGQIDDALKLANEGKVKEAQAAAEQLKTTRNAYIQKYLASLRGSETMCNITTSCNVDSNIDQFFQPTL
YIIVIVLGFPTNCMALWAAYMQVKQKNELGIYLMNLSIADLLYITTLPLWIDYFVHHDNWIHGQVSCKLFGFIFYTNIYV
SIAFLCCISVDRYLAVAHPLKFAKVRRVKTALLVSAIVWLTEIVANSAPLFHDELFQDRFNHTFCFEKYPMEPWVAGMNL
YRTFLGFLAPWGIMLAAYRGILRAVRGNVSTERQEKAKIKRLALSLILIVLLCFAPYHVLLLWRSVLFLINPCDCGGEEN
LFGAYHVTLALTSLNCVADPILYCFVNEGARHDVGRALATLLGLFQRGKSPETLMGASITVETPLAVVFTLEDFVGDWEQ
TAAYNLDQVLEQGGVSSLLQNLAVSVTPIQRIVRSGENALKIDIHVIIPYEGLSADQMAQIEEVFKVVYPVDDHHFKVIL
PYGTLVIDGVTPNMLNYFGRPYEGIAVFDGKKITVTGTLWNGNKIIDERLITPDGSMLFRVTINLEVLFQGPHHHHHHHH
HH
;
R
5 'polypeptide(L)' MASNNTASIAQARKLVEQLKMEANIDRIKVSKAAADLMAYCEAHAKEDPLLTPVPASENPFREKKFFGSA G
#
# COMPACT_ATOMS: atom_id res chain seq x y z
N GLU A 3 39.55 5.55 -40.16
CA GLU A 3 38.17 5.11 -40.30
C GLU A 3 37.40 5.31 -39.00
N LEU A 4 37.72 4.50 -37.98
CA LEU A 4 37.04 4.61 -36.70
C LEU A 4 37.28 5.97 -36.06
N ASP A 5 38.54 6.43 -36.07
CA ASP A 5 38.84 7.77 -35.59
C ASP A 5 38.14 8.83 -36.42
N GLN A 6 38.11 8.63 -37.74
CA GLN A 6 37.40 9.57 -38.61
C GLN A 6 35.89 9.54 -38.32
N LEU A 7 35.34 8.35 -38.04
CA LEU A 7 33.93 8.25 -37.70
C LEU A 7 33.62 9.01 -36.41
N ARG A 8 34.46 8.85 -35.39
CA ARG A 8 34.27 9.62 -34.16
C ARG A 8 34.42 11.11 -34.40
N GLN A 9 35.39 11.51 -35.22
CA GLN A 9 35.58 12.94 -35.49
C GLN A 9 34.38 13.54 -36.20
N GLU A 10 33.84 12.84 -37.21
CA GLU A 10 32.68 13.37 -37.91
C GLU A 10 31.44 13.34 -37.02
N ALA A 11 31.33 12.37 -36.12
CA ALA A 11 30.24 12.39 -35.14
C ALA A 11 30.35 13.62 -34.25
N GLU A 12 31.57 13.95 -33.81
CA GLU A 12 31.77 15.15 -33.00
C GLU A 12 31.41 16.42 -33.78
N GLN A 13 31.79 16.47 -35.06
CA GLN A 13 31.43 17.63 -35.86
C GLN A 13 29.93 17.75 -36.06
N LEU A 14 29.24 16.62 -36.26
CA LEU A 14 27.78 16.65 -36.35
C LEU A 14 27.16 17.14 -35.05
N LYS A 15 27.68 16.67 -33.91
CA LYS A 15 27.17 17.15 -32.62
C LYS A 15 27.39 18.64 -32.45
N ASN A 16 28.59 19.12 -32.83
CA ASN A 16 28.89 20.54 -32.71
C ASN A 16 27.99 21.37 -33.62
N GLN A 17 27.71 20.87 -34.83
CA GLN A 17 26.77 21.54 -35.71
C GLN A 17 25.37 21.56 -35.11
N ILE A 18 24.98 20.48 -34.44
CA ILE A 18 23.68 20.44 -33.77
C ILE A 18 23.61 21.51 -32.69
N ARG A 19 24.66 21.61 -31.86
CA ARG A 19 24.68 22.61 -30.81
C ARG A 19 24.68 24.03 -31.38
N ASP A 20 25.43 24.25 -32.47
CA ASP A 20 25.45 25.56 -33.09
C ASP A 20 24.08 25.93 -33.66
N ALA A 21 23.39 24.98 -34.29
CA ALA A 21 22.05 25.26 -34.81
C ALA A 21 21.08 25.56 -33.69
N ARG A 22 21.16 24.80 -32.58
CA ARG A 22 20.30 25.06 -31.45
C ARG A 22 20.57 26.43 -30.84
N LYS A 23 21.85 26.81 -30.74
CA LYS A 23 22.20 28.13 -30.22
C LYS A 23 21.69 29.24 -31.14
N ALA A 24 21.80 29.03 -32.45
CA ALA A 24 21.26 30.01 -33.40
C ALA A 24 19.75 30.16 -33.26
N CYS A 25 19.05 29.04 -33.07
CA CYS A 25 17.62 29.10 -32.84
C CYS A 25 17.30 29.70 -31.47
N ALA A 26 18.20 29.58 -30.50
CA ALA A 26 17.95 30.07 -29.15
C ALA A 26 18.27 31.56 -29.09
N ASP A 27 17.24 32.37 -28.83
CA ASP A 27 17.40 33.82 -28.72
C ASP A 27 16.83 34.38 -27.43
N ALA A 28 15.71 33.84 -26.95
CA ALA A 28 15.07 34.33 -25.73
C ALA A 28 14.54 33.17 -24.92
N THR A 29 14.79 33.20 -23.62
CA THR A 29 14.26 32.21 -22.71
C THR A 29 12.76 32.43 -22.55
N LEU A 30 12.00 31.32 -22.40
CA LEU A 30 10.57 31.42 -22.22
C LEU A 30 10.18 32.28 -21.02
N SER A 31 11.04 32.34 -20.00
CA SER A 31 10.76 33.21 -18.86
C SER A 31 10.67 34.67 -19.28
N GLN A 32 11.56 35.10 -20.18
CA GLN A 32 11.50 36.47 -20.67
C GLN A 32 10.20 36.74 -21.42
N ILE A 33 9.73 35.76 -22.21
CA ILE A 33 8.47 35.93 -22.93
C ILE A 33 7.30 36.00 -21.97
N THR A 34 7.29 35.13 -20.96
CA THR A 34 6.17 35.04 -20.03
C THR A 34 6.24 36.06 -18.90
N ASN A 35 7.29 36.87 -18.84
CA ASN A 35 7.38 37.91 -17.82
C ASN A 35 6.15 38.80 -17.76
N ASN A 36 5.39 38.90 -18.86
CA ASN A 36 4.19 39.73 -18.89
C ASN A 36 2.93 39.02 -18.43
N ILE A 37 2.96 37.70 -18.27
CA ILE A 37 1.77 36.98 -17.82
C ILE A 37 1.61 37.13 -16.32
N ASP A 38 0.37 36.96 -15.85
CA ASP A 38 0.10 37.04 -14.42
C ASP A 38 0.57 35.75 -13.75
N PRO A 39 1.50 35.82 -12.81
CA PRO A 39 1.93 34.60 -12.12
C PRO A 39 0.85 34.06 -11.21
N VAL A 40 0.64 32.74 -11.27
CA VAL A 40 -0.35 32.10 -10.43
C VAL A 40 0.09 32.17 -8.97
N GLY A 41 -0.84 32.51 -8.10
CA GLY A 41 -0.56 32.60 -6.69
C GLY A 41 -0.36 31.23 -6.07
N ARG A 42 -0.21 31.24 -4.76
CA ARG A 42 0.00 29.98 -4.03
C ARG A 42 -1.20 29.06 -4.23
N ILE A 43 -0.92 27.80 -4.55
CA ILE A 43 -1.95 26.80 -4.82
C ILE A 43 -1.92 25.77 -3.71
N GLN A 44 -3.05 25.61 -3.03
CA GLN A 44 -3.21 24.60 -1.99
C GLN A 44 -4.21 23.57 -2.45
N MET A 45 -3.87 22.30 -2.30
CA MET A 45 -4.66 21.20 -2.81
C MET A 45 -5.04 20.28 -1.66
N ARG A 46 -6.33 19.98 -1.54
CA ARG A 46 -6.82 19.16 -0.43
C ARG A 46 -6.95 17.71 -0.86
N THR A 47 -6.65 16.81 0.08
CA THR A 47 -6.78 15.36 -0.15
C THR A 47 -8.26 15.00 0.00
N ARG A 48 -8.98 14.97 -1.12
CA ARG A 48 -10.40 14.64 -1.06
C ARG A 48 -10.63 13.22 -0.59
N ARG A 49 -9.84 12.27 -1.09
CA ARG A 49 -9.96 10.87 -0.72
C ARG A 49 -8.59 10.28 -0.45
N THR A 50 -8.56 9.28 0.42
CA THR A 50 -7.38 8.46 0.65
C THR A 50 -7.77 7.02 0.42
N LEU A 51 -7.08 6.36 -0.52
CA LEU A 51 -7.43 5.01 -0.95
C LEU A 51 -6.60 4.01 -0.14
N ARG A 52 -7.16 3.60 1.00
CA ARG A 52 -6.51 2.67 1.89
C ARG A 52 -6.79 1.23 1.46
N GLY A 53 -5.80 0.37 1.64
CA GLY A 53 -5.99 -1.03 1.32
C GLY A 53 -4.77 -1.74 0.75
N HIS A 54 -3.81 -1.00 0.20
CA HIS A 54 -2.59 -1.61 -0.26
C HIS A 54 -1.73 -2.04 0.92
N LEU A 55 -1.02 -3.15 0.75
CA LEU A 55 -0.29 -3.76 1.86
C LEU A 55 1.14 -3.28 1.96
N ALA A 56 1.69 -2.68 0.91
CA ALA A 56 3.09 -2.26 0.92
C ALA A 56 3.23 -1.05 0.00
N LYS A 57 4.47 -0.72 -0.35
CA LYS A 57 4.72 0.46 -1.16
C LYS A 57 4.08 0.33 -2.54
N ILE A 58 3.62 1.46 -3.07
CA ILE A 58 2.95 1.51 -4.36
C ILE A 58 3.91 2.14 -5.36
N TYR A 59 4.14 1.46 -6.48
CA TYR A 59 5.09 2.00 -7.46
C TYR A 59 4.43 2.67 -8.67
N ALA A 60 3.18 2.37 -8.98
CA ALA A 60 2.59 2.95 -10.17
C ALA A 60 1.08 3.08 -10.03
N MET A 61 0.53 3.98 -10.83
CA MET A 61 -0.92 4.16 -10.93
C MET A 61 -1.24 4.78 -12.28
N HIS A 62 -2.47 4.59 -12.72
CA HIS A 62 -2.93 5.15 -14.00
C HIS A 62 -4.42 5.42 -13.92
N TRP A 63 -4.80 6.67 -14.17
CA TRP A 63 -6.22 7.03 -14.22
C TRP A 63 -6.87 6.41 -15.45
N GLY A 64 -8.12 5.99 -15.29
CA GLY A 64 -8.91 5.60 -16.44
C GLY A 64 -9.33 6.79 -17.26
N THR A 65 -9.65 6.51 -18.53
CA THR A 65 -10.06 7.59 -19.43
C THR A 65 -11.42 8.17 -19.07
N ASP A 66 -12.18 7.48 -18.22
CA ASP A 66 -13.40 8.05 -17.67
C ASP A 66 -13.12 9.02 -16.52
N SER A 67 -11.85 9.17 -16.14
CA SER A 67 -11.42 10.08 -15.07
C SER A 67 -11.95 9.67 -13.71
N ARG A 68 -12.52 8.48 -13.59
CA ARG A 68 -13.09 8.00 -12.34
C ARG A 68 -12.40 6.76 -11.80
N LEU A 69 -12.29 5.71 -12.60
CA LEU A 69 -11.58 4.52 -12.18
C LEU A 69 -10.08 4.73 -12.25
N LEU A 70 -9.35 4.14 -11.31
CA LEU A 70 -7.90 4.16 -11.36
C LEU A 70 -7.36 2.80 -10.96
N VAL A 71 -6.14 2.51 -11.39
CA VAL A 71 -5.49 1.23 -11.10
C VAL A 71 -4.12 1.52 -10.50
N SER A 72 -3.79 0.82 -9.43
CA SER A 72 -2.53 1.02 -8.72
C SER A 72 -1.84 -0.32 -8.48
N ALA A 73 -0.51 -0.29 -8.51
CA ALA A 73 0.32 -1.49 -8.41
C ALA A 73 1.21 -1.39 -7.19
N SER A 74 1.23 -2.46 -6.39
CA SER A 74 2.07 -2.46 -5.18
C SER A 74 2.91 -3.73 -5.13
N GLN A 75 3.93 -3.71 -4.27
CA GLN A 75 4.90 -4.79 -4.20
C GLN A 75 4.34 -6.08 -3.63
N ASP A 76 3.13 -6.06 -3.07
CA ASP A 76 2.54 -7.30 -2.57
C ASP A 76 2.04 -8.18 -3.69
N GLY A 77 2.42 -7.88 -4.94
CA GLY A 77 1.88 -8.58 -6.08
C GLY A 77 0.42 -8.32 -6.29
N LYS A 78 -0.02 -7.07 -6.12
CA LYS A 78 -1.42 -6.73 -6.19
C LYS A 78 -1.65 -5.50 -7.05
N LEU A 79 -2.66 -5.60 -7.90
CA LEU A 79 -3.14 -4.52 -8.77
C LEU A 79 -4.56 -4.20 -8.35
N ILE A 80 -4.76 -3.07 -7.69
CA ILE A 80 -6.06 -2.70 -7.15
C ILE A 80 -6.68 -1.62 -8.02
N ILE A 81 -7.91 -1.85 -8.47
CA ILE A 81 -8.66 -0.90 -9.28
C ILE A 81 -9.73 -0.30 -8.39
N TRP A 82 -9.62 1.00 -8.15
CA TRP A 82 -10.51 1.75 -7.27
C TRP A 82 -11.46 2.61 -8.08
N ASP A 83 -12.68 2.74 -7.57
CA ASP A 83 -13.61 3.79 -7.98
C ASP A 83 -13.29 5.02 -7.14
N SER A 84 -12.56 5.97 -7.74
CA SER A 84 -12.01 7.07 -6.96
C SER A 84 -13.09 7.96 -6.36
N TYR A 85 -14.26 8.04 -7.00
CA TYR A 85 -15.32 8.90 -6.50
C TYR A 85 -15.82 8.43 -5.14
N THR A 86 -16.01 7.12 -4.96
CA THR A 86 -16.59 6.57 -3.75
C THR A 86 -15.62 5.71 -2.96
N THR A 87 -14.36 5.64 -3.38
CA THR A 87 -13.27 4.92 -2.70
C THR A 87 -13.48 3.41 -2.78
N ASN A 88 -14.58 2.94 -3.33
CA ASN A 88 -14.84 1.51 -3.42
C ASN A 88 -13.77 0.82 -4.28
N LYS A 89 -13.39 -0.39 -3.87
CA LYS A 89 -12.41 -1.18 -4.61
C LYS A 89 -13.16 -2.00 -5.66
N VAL A 90 -13.07 -1.57 -6.92
CA VAL A 90 -13.76 -2.28 -7.99
C VAL A 90 -13.14 -3.64 -8.21
N HIS A 91 -11.81 -3.71 -8.22
CA HIS A 91 -11.12 -4.96 -8.53
C HIS A 91 -9.86 -5.10 -7.70
N ALA A 92 -9.45 -6.35 -7.49
CA ALA A 92 -8.17 -6.66 -6.84
C ALA A 92 -7.58 -7.86 -7.57
N ILE A 93 -6.56 -7.62 -8.39
CA ILE A 93 -5.95 -8.66 -9.22
C ILE A 93 -4.65 -9.11 -8.53
N PRO A 94 -4.56 -10.36 -8.09
CA PRO A 94 -3.25 -10.89 -7.69
C PRO A 94 -2.36 -11.05 -8.90
N LEU A 95 -1.06 -10.85 -8.67
CA LEU A 95 -0.07 -10.84 -9.74
C LEU A 95 0.87 -12.03 -9.60
N ARG A 96 1.31 -12.56 -10.74
CA ARG A 96 2.25 -13.68 -10.74
C ARG A 96 3.56 -13.32 -10.06
N SER A 97 4.09 -12.14 -10.36
CA SER A 97 5.33 -11.66 -9.78
C SER A 97 5.04 -10.50 -8.83
N SER A 98 5.57 -10.61 -7.61
CA SER A 98 5.31 -9.59 -6.60
C SER A 98 5.89 -8.23 -6.97
N TRP A 99 6.91 -8.20 -7.82
CA TRP A 99 7.59 -6.96 -8.18
C TRP A 99 7.10 -6.47 -9.53
N VAL A 100 6.24 -5.46 -9.51
CA VAL A 100 5.86 -4.73 -10.71
C VAL A 100 6.14 -3.26 -10.46
N MET A 101 6.85 -2.64 -11.40
CA MET A 101 7.24 -1.24 -11.30
C MET A 101 6.39 -0.33 -12.17
N THR A 102 5.33 -0.87 -12.78
CA THR A 102 4.49 -0.06 -13.64
C THR A 102 3.10 -0.69 -13.72
N CYS A 103 2.14 0.12 -14.13
CA CYS A 103 0.79 -0.33 -14.42
C CYS A 103 0.16 0.65 -15.37
N ALA A 104 -0.91 0.23 -16.04
CA ALA A 104 -1.53 1.07 -17.05
C ALA A 104 -3.00 0.71 -17.18
N TYR A 105 -3.75 1.60 -17.82
CA TYR A 105 -5.16 1.43 -18.09
C TYR A 105 -5.39 1.57 -19.59
N ALA A 106 -6.12 0.63 -20.18
CA ALA A 106 -6.40 0.69 -21.59
C ALA A 106 -7.28 1.91 -21.90
N PRO A 107 -7.12 2.52 -23.07
CA PRO A 107 -7.97 3.68 -23.39
C PRO A 107 -9.44 3.35 -23.47
N SER A 108 -9.78 2.13 -23.87
CA SER A 108 -11.17 1.70 -23.83
C SER A 108 -11.61 1.32 -22.43
N GLY A 109 -10.65 1.02 -21.55
CA GLY A 109 -10.95 0.58 -20.20
C GLY A 109 -11.20 -0.91 -20.07
N ASN A 110 -11.10 -1.67 -21.16
CA ASN A 110 -11.38 -3.10 -21.09
C ASN A 110 -10.23 -3.87 -20.46
N TYR A 111 -9.00 -3.41 -20.66
CA TYR A 111 -7.81 -4.12 -20.20
C TYR A 111 -7.01 -3.25 -19.24
N VAL A 112 -6.17 -3.91 -18.43
CA VAL A 112 -5.16 -3.25 -17.64
C VAL A 112 -3.83 -3.95 -17.88
N ALA A 113 -2.74 -3.25 -17.58
CA ALA A 113 -1.41 -3.79 -17.82
C ALA A 113 -0.55 -3.62 -16.58
N CYS A 114 0.44 -4.51 -16.44
CA CYS A 114 1.43 -4.41 -15.39
C CYS A 114 2.73 -5.04 -15.87
N GLY A 115 3.82 -4.67 -15.23
CA GLY A 115 5.12 -5.23 -15.57
C GLY A 115 6.15 -4.80 -14.56
N GLY A 116 7.24 -5.57 -14.51
CA GLY A 116 8.26 -5.30 -13.53
C GLY A 116 9.53 -6.11 -13.70
N LEU A 117 10.05 -6.62 -12.58
CA LEU A 117 11.31 -7.36 -12.59
C LEU A 117 11.19 -8.72 -13.25
N ASP A 118 9.99 -9.16 -13.59
CA ASP A 118 9.81 -10.43 -14.27
C ASP A 118 10.07 -10.34 -15.77
N ASN A 119 10.26 -9.13 -16.30
CA ASN A 119 10.53 -8.89 -17.72
C ASN A 119 9.35 -9.27 -18.61
N ILE A 120 8.17 -9.49 -18.03
CA ILE A 120 6.98 -9.90 -18.76
C ILE A 120 5.90 -8.85 -18.55
N CYS A 121 5.27 -8.41 -19.63
CA CYS A 121 4.16 -7.47 -19.56
C CYS A 121 2.87 -8.28 -19.42
N SER A 122 2.30 -8.31 -18.23
CA SER A 122 1.08 -9.06 -17.98
C SER A 122 -0.12 -8.13 -18.19
N ILE A 123 -0.94 -8.44 -19.19
CA ILE A 123 -2.12 -7.65 -19.50
C ILE A 123 -3.35 -8.48 -19.22
N TYR A 124 -4.24 -7.92 -18.40
CA TYR A 124 -5.42 -8.58 -17.87
C TYR A 124 -6.67 -8.01 -18.54
N ASN A 125 -7.62 -8.90 -18.83
CA ASN A 125 -8.90 -8.52 -19.42
C ASN A 125 -9.90 -8.30 -18.29
N LEU A 126 -10.30 -7.04 -18.09
CA LEU A 126 -11.21 -6.72 -17.00
C LEU A 126 -12.62 -7.22 -17.27
N LYS A 127 -13.14 -6.97 -18.48
CA LYS A 127 -14.52 -7.27 -18.81
C LYS A 127 -14.55 -8.63 -19.50
N THR A 128 -14.62 -9.69 -18.70
CA THR A 128 -14.72 -11.05 -19.19
C THR A 128 -16.09 -11.61 -18.85
N ARG A 129 -16.62 -12.43 -19.76
CA ARG A 129 -17.85 -13.16 -19.48
C ARG A 129 -17.66 -14.14 -18.33
N GLU A 130 -16.41 -14.54 -18.05
CA GLU A 130 -16.09 -15.43 -16.93
C GLU A 130 -16.45 -14.82 -15.59
N GLY A 131 -16.60 -13.49 -15.51
CA GLY A 131 -16.91 -12.81 -14.27
C GLY A 131 -15.71 -12.50 -13.39
N ASN A 132 -14.50 -12.88 -13.82
CA ASN A 132 -13.29 -12.60 -13.06
C ASN A 132 -12.23 -12.01 -13.99
N VAL A 133 -11.11 -11.62 -13.40
CA VAL A 133 -9.98 -11.07 -14.14
C VAL A 133 -8.97 -12.18 -14.37
N ARG A 134 -8.50 -12.30 -15.62
CA ARG A 134 -7.53 -13.31 -16.00
C ARG A 134 -6.45 -12.66 -16.85
N VAL A 135 -5.31 -13.33 -16.95
CA VAL A 135 -4.23 -12.83 -17.79
C VAL A 135 -4.67 -12.96 -19.25
N SER A 136 -5.00 -11.82 -19.86
CA SER A 136 -5.34 -11.84 -21.29
C SER A 136 -4.12 -12.19 -22.12
N ARG A 137 -2.95 -11.68 -21.75
CA ARG A 137 -1.73 -12.01 -22.49
C ARG A 137 -0.53 -11.75 -21.60
N GLU A 138 0.55 -12.50 -21.84
CA GLU A 138 1.83 -12.32 -21.17
C GLU A 138 2.89 -12.04 -22.24
N LEU A 139 3.28 -10.77 -22.35
CA LEU A 139 4.20 -10.36 -23.39
C LEU A 139 5.63 -10.59 -22.96
N ALA A 140 6.38 -11.34 -23.77
CA ALA A 140 7.77 -11.67 -23.48
C ALA A 140 8.63 -11.30 -24.68
N GLY A 141 9.89 -10.97 -24.39
CA GLY A 141 10.80 -10.51 -25.42
C GLY A 141 11.75 -9.44 -24.92
N HIS A 142 11.52 -8.99 -23.69
CA HIS A 142 12.39 -8.01 -23.06
C HIS A 142 13.39 -8.72 -22.16
N THR A 143 14.67 -8.38 -22.32
CA THR A 143 15.74 -8.98 -21.54
C THR A 143 16.04 -8.21 -20.26
N GLY A 144 15.28 -7.17 -19.95
CA GLY A 144 15.47 -6.41 -18.73
C GLY A 144 14.13 -6.14 -18.06
N TYR A 145 14.22 -5.57 -16.86
CA TYR A 145 13.01 -5.24 -16.12
C TYR A 145 12.19 -4.19 -16.87
N LEU A 146 10.87 -4.37 -16.89
CA LEU A 146 9.97 -3.45 -17.57
C LEU A 146 9.61 -2.32 -16.61
N SER A 147 9.84 -1.07 -17.04
CA SER A 147 9.68 0.06 -16.15
C SER A 147 8.42 0.87 -16.40
N CYS A 148 7.88 0.86 -17.61
CA CYS A 148 6.67 1.62 -17.92
C CYS A 148 6.05 1.09 -19.19
N CYS A 149 4.72 0.92 -19.16
CA CYS A 149 3.96 0.46 -20.31
C CYS A 149 2.74 1.35 -20.48
N ARG A 150 2.44 1.70 -21.74
CA ARG A 150 1.31 2.55 -22.06
C ARG A 150 0.54 1.98 -23.23
N PHE A 151 -0.77 2.18 -23.23
CA PHE A 151 -1.65 1.63 -24.25
C PHE A 151 -1.91 2.64 -25.36
N LEU A 152 -1.52 2.29 -26.58
CA LEU A 152 -1.98 3.05 -27.74
C LEU A 152 -3.46 2.81 -27.99
N ASP A 153 -3.89 1.56 -27.96
CA ASP A 153 -5.29 1.16 -28.05
C ASP A 153 -5.41 -0.25 -27.50
N ASP A 154 -6.56 -0.87 -27.71
CA ASP A 154 -6.81 -2.20 -27.16
C ASP A 154 -5.93 -3.28 -27.77
N ASN A 155 -5.32 -3.03 -28.93
CA ASN A 155 -4.52 -4.03 -29.62
C ASN A 155 -3.03 -3.70 -29.66
N GLN A 156 -2.65 -2.45 -29.41
CA GLN A 156 -1.27 -2.03 -29.45
C GLN A 156 -0.83 -1.51 -28.08
N ILE A 157 0.34 -1.93 -27.64
CA ILE A 157 0.91 -1.43 -26.39
C ILE A 157 2.35 -1.01 -26.65
N VAL A 158 2.86 -0.12 -25.80
CA VAL A 158 4.24 0.35 -25.86
C VAL A 158 4.87 0.16 -24.49
N THR A 159 6.01 -0.51 -24.46
CA THR A 159 6.72 -0.79 -23.21
C THR A 159 8.14 -0.26 -23.29
N SER A 160 8.71 0.03 -22.13
CA SER A 160 10.11 0.43 -22.00
C SER A 160 10.75 -0.43 -20.93
N SER A 161 12.00 -0.84 -21.15
CA SER A 161 12.63 -1.78 -20.24
C SER A 161 14.03 -1.33 -19.88
N GLY A 162 14.65 -2.09 -18.97
CA GLY A 162 16.00 -1.85 -18.50
C GLY A 162 17.09 -2.36 -19.40
N ASP A 163 16.75 -2.98 -20.52
CA ASP A 163 17.73 -3.37 -21.52
C ASP A 163 18.03 -2.25 -22.51
N THR A 164 17.73 -1.01 -22.14
CA THR A 164 17.91 0.17 -22.99
C THR A 164 17.10 0.06 -24.28
N THR A 165 15.95 -0.62 -24.19
CA THR A 165 15.08 -0.77 -25.36
C THR A 165 13.64 -0.47 -25.00
N CYS A 166 12.92 0.07 -25.98
CA CYS A 166 11.47 0.14 -25.95
C CYS A 166 10.92 -0.80 -27.02
N ALA A 167 9.66 -1.20 -26.85
CA ALA A 167 9.05 -2.13 -27.78
C ALA A 167 7.59 -1.75 -28.02
N LEU A 168 7.13 -2.00 -29.25
CA LEU A 168 5.74 -1.79 -29.62
C LEU A 168 5.16 -3.18 -29.90
N TRP A 169 4.19 -3.59 -29.08
CA TRP A 169 3.63 -4.93 -29.13
C TRP A 169 2.24 -4.89 -29.75
N ASP A 170 2.02 -5.75 -30.74
CA ASP A 170 0.69 -6.07 -31.22
C ASP A 170 0.12 -7.16 -30.31
N ILE A 171 -1.06 -6.92 -29.75
CA ILE A 171 -1.56 -7.76 -28.66
C ILE A 171 -1.88 -9.16 -29.16
N GLU A 172 -2.57 -9.25 -30.30
CA GLU A 172 -2.92 -10.57 -30.83
C GLU A 172 -1.67 -11.39 -31.14
N THR A 173 -0.72 -10.80 -31.87
CA THR A 173 0.50 -11.54 -32.21
C THR A 173 1.40 -11.74 -31.00
N GLY A 174 1.47 -10.76 -30.10
CA GLY A 174 2.37 -10.86 -28.96
C GLY A 174 3.83 -10.72 -29.33
N GLN A 175 4.13 -10.11 -30.47
CA GLN A 175 5.49 -9.96 -30.94
C GLN A 175 5.83 -8.47 -31.05
N GLN A 176 7.12 -8.17 -30.90
CA GLN A 176 7.59 -6.80 -30.99
C GLN A 176 7.47 -6.33 -32.44
N THR A 177 6.42 -5.58 -32.74
CA THR A 177 6.26 -5.05 -34.09
C THR A 177 7.41 -4.12 -34.45
N THR A 178 7.75 -3.20 -33.54
CA THR A 178 8.93 -2.35 -33.70
C THR A 178 9.72 -2.36 -32.40
N THR A 179 11.04 -2.34 -32.52
CA THR A 179 11.93 -2.29 -31.37
C THR A 179 12.76 -1.03 -31.44
N PHE A 180 12.58 -0.15 -30.46
CA PHE A 180 13.31 1.11 -30.38
C PHE A 180 14.58 0.87 -29.59
N THR A 181 15.73 0.91 -30.29
CA THR A 181 17.03 0.64 -29.70
C THR A 181 17.96 1.80 -30.07
N GLY A 182 17.93 2.85 -29.26
CA GLY A 182 18.83 3.97 -29.44
C GLY A 182 19.38 4.48 -28.12
N HIS A 183 18.91 3.87 -27.04
CA HIS A 183 19.26 4.31 -25.69
C HIS A 183 20.52 3.62 -25.19
N THR A 184 21.31 4.36 -24.43
CA THR A 184 22.52 3.81 -23.82
C THR A 184 22.24 3.23 -22.44
N GLY A 185 21.39 3.88 -21.65
CA GLY A 185 21.06 3.44 -20.32
C GLY A 185 19.64 2.91 -20.18
N ASP A 186 19.29 2.54 -18.95
CA ASP A 186 17.99 1.98 -18.65
C ASP A 186 16.89 3.00 -18.87
N VAL A 187 15.81 2.57 -19.51
CA VAL A 187 14.68 3.46 -19.81
C VAL A 187 13.66 3.35 -18.68
N MET A 188 13.34 4.48 -18.04
CA MET A 188 12.30 4.42 -17.02
C MET A 188 10.90 4.76 -17.53
N SER A 189 10.68 5.95 -18.06
CA SER A 189 9.30 6.36 -18.28
C SER A 189 9.10 6.78 -19.73
N LEU A 190 7.93 6.44 -20.26
CA LEU A 190 7.51 6.84 -21.58
C LEU A 190 6.12 7.45 -21.49
N SER A 191 5.89 8.45 -22.34
CA SER A 191 4.62 9.14 -22.37
C SER A 191 4.08 9.13 -23.79
N LEU A 192 2.87 8.62 -23.96
CA LEU A 192 2.24 8.58 -25.26
C LEU A 192 1.70 9.95 -25.63
N ALA A 193 2.00 10.40 -26.84
CA ALA A 193 1.51 11.69 -27.29
C ALA A 193 -0.02 11.65 -27.39
N PRO A 194 -0.67 12.80 -27.17
CA PRO A 194 -2.13 12.83 -27.30
C PRO A 194 -2.63 12.31 -28.62
N ASP A 195 -1.92 12.59 -29.72
CA ASP A 195 -2.29 12.05 -31.03
C ASP A 195 -1.86 10.60 -31.21
N THR A 196 -1.04 10.05 -30.31
CA THR A 196 -0.59 8.66 -30.34
C THR A 196 0.12 8.33 -31.65
N ARG A 197 0.75 9.31 -32.27
CA ARG A 197 1.58 9.09 -33.45
C ARG A 197 3.07 9.06 -33.12
N LEU A 198 3.47 9.81 -32.10
CA LEU A 198 4.84 9.82 -31.59
C LEU A 198 4.81 9.46 -30.11
N PHE A 199 5.99 9.21 -29.54
CA PHE A 199 6.06 9.00 -28.10
C PHE A 199 7.49 9.19 -27.63
N VAL A 200 7.64 9.74 -26.44
CA VAL A 200 8.93 10.07 -25.87
C VAL A 200 9.21 9.16 -24.69
N SER A 201 10.49 8.99 -24.36
CA SER A 201 10.90 8.12 -23.27
C SER A 201 12.26 8.56 -22.75
N GLY A 202 12.39 8.64 -21.43
CA GLY A 202 13.64 9.03 -20.80
C GLY A 202 14.41 7.84 -20.24
N ALA A 203 15.73 7.94 -20.29
CA ALA A 203 16.58 6.82 -19.92
C ALA A 203 17.64 7.25 -18.92
N CYS A 204 18.50 6.29 -18.59
CA CYS A 204 19.56 6.48 -17.61
C CYS A 204 20.74 7.28 -18.14
N ASP A 205 20.86 7.42 -19.46
CA ASP A 205 21.99 8.12 -20.04
C ASP A 205 21.80 9.62 -20.07
N ALA A 206 20.92 10.14 -19.21
CA ALA A 206 20.61 11.57 -19.14
C ALA A 206 20.09 12.06 -20.49
N SER A 207 19.27 11.24 -21.14
CA SER A 207 18.72 11.60 -22.44
C SER A 207 17.28 11.11 -22.53
N ALA A 208 16.46 11.93 -23.19
CA ALA A 208 15.09 11.57 -23.54
C ALA A 208 14.99 11.48 -25.05
N LYS A 209 14.63 10.30 -25.55
CA LYS A 209 14.50 10.06 -26.98
C LYS A 209 13.02 10.01 -27.34
N LEU A 210 12.65 10.74 -28.38
CA LEU A 210 11.30 10.70 -28.92
C LEU A 210 11.34 9.93 -30.23
N TRP A 211 10.55 8.87 -30.30
CA TRP A 211 10.39 8.01 -31.45
C TRP A 211 9.01 8.25 -32.06
N ASP A 212 8.80 7.64 -33.23
CA ASP A 212 7.47 7.53 -33.83
C ASP A 212 7.09 6.05 -33.86
N VAL A 213 5.82 5.77 -33.57
CA VAL A 213 5.40 4.37 -33.44
C VAL A 213 5.36 3.69 -34.80
N ARG A 214 4.90 4.40 -35.83
CA ARG A 214 4.63 3.74 -37.12
C ARG A 214 5.91 3.29 -37.81
N GLU A 215 6.85 4.21 -38.05
CA GLU A 215 8.09 3.85 -38.71
C GLU A 215 9.11 3.26 -37.74
N GLY A 216 9.38 3.95 -36.63
CA GLY A 216 10.18 3.37 -35.57
C GLY A 216 11.66 3.70 -35.56
N MET A 217 12.01 4.98 -35.67
CA MET A 217 13.37 5.43 -35.42
C MET A 217 13.32 6.65 -34.52
N CYS A 218 14.42 6.91 -33.84
CA CYS A 218 14.49 8.00 -32.87
C CYS A 218 14.43 9.32 -33.62
N ARG A 219 13.24 9.93 -33.64
CA ARG A 219 13.09 11.20 -34.35
C ARG A 219 13.90 12.30 -33.70
N GLN A 220 13.89 12.38 -32.36
CA GLN A 220 14.62 13.45 -31.69
C GLN A 220 15.28 12.92 -30.42
N THR A 221 16.36 13.58 -30.03
CA THR A 221 17.09 13.27 -28.80
C THR A 221 17.32 14.56 -28.04
N PHE A 222 16.98 14.57 -26.76
CA PHE A 222 17.13 15.73 -25.91
C PHE A 222 18.02 15.38 -24.72
N THR A 223 19.03 16.22 -24.47
CA THR A 223 19.94 16.05 -23.36
C THR A 223 19.94 17.33 -22.53
N GLY A 224 20.69 17.30 -21.43
CA GLY A 224 20.76 18.45 -20.55
C GLY A 224 20.75 18.05 -19.08
N HIS A 225 20.10 16.93 -18.78
CA HIS A 225 20.10 16.43 -17.42
C HIS A 225 21.48 15.91 -17.03
N GLU A 226 21.80 15.99 -15.75
CA GLU A 226 23.09 15.54 -15.24
C GLU A 226 23.07 14.10 -14.76
N SER A 227 21.89 13.48 -14.61
CA SER A 227 21.80 12.14 -14.06
C SER A 227 20.70 11.38 -14.79
N ASP A 228 20.30 10.24 -14.23
CA ASP A 228 19.30 9.39 -14.86
C ASP A 228 17.94 10.07 -14.85
N ILE A 229 17.26 10.06 -15.99
CA ILE A 229 15.93 10.63 -16.10
C ILE A 229 14.94 9.62 -15.55
N ASN A 230 14.20 10.00 -14.52
CA ASN A 230 13.37 9.06 -13.79
C ASN A 230 11.93 9.03 -14.30
N ALA A 231 11.42 10.16 -14.76
CA ALA A 231 10.04 10.25 -15.20
C ALA A 231 9.93 11.22 -16.37
N ILE A 232 8.86 11.04 -17.15
CA ILE A 232 8.63 11.86 -18.33
C ILE A 232 7.13 12.01 -18.52
N CYS A 233 6.73 13.13 -19.11
CA CYS A 233 5.31 13.34 -19.39
C CYS A 233 5.13 14.33 -20.53
N PHE A 234 4.28 13.98 -21.48
CA PHE A 234 4.01 14.86 -22.62
C PHE A 234 3.19 16.08 -22.18
N PHE A 235 3.46 17.20 -22.83
CA PHE A 235 2.60 18.37 -22.69
C PHE A 235 1.24 18.07 -23.32
N PRO A 236 0.17 18.64 -22.78
CA PRO A 236 -1.17 18.34 -23.34
C PRO A 236 -1.31 18.64 -24.82
N ASN A 237 -0.61 19.66 -25.33
CA ASN A 237 -0.69 19.95 -26.76
C ASN A 237 0.11 18.96 -27.61
N GLY A 238 1.03 18.22 -27.01
CA GLY A 238 1.83 17.25 -27.73
C GLY A 238 3.09 17.78 -28.36
N ASN A 239 3.32 19.09 -28.29
CA ASN A 239 4.51 19.70 -28.88
C ASN A 239 5.63 19.90 -27.87
N ALA A 240 5.47 19.41 -26.64
CA ALA A 240 6.51 19.55 -25.63
C ALA A 240 6.35 18.42 -24.62
N PHE A 241 7.32 18.32 -23.72
CA PHE A 241 7.24 17.35 -22.63
C PHE A 241 8.15 17.79 -21.50
N ALA A 242 8.07 17.07 -20.39
CA ALA A 242 8.83 17.37 -19.19
C ALA A 242 9.53 16.12 -18.70
N THR A 243 10.78 16.29 -18.25
CA THR A 243 11.61 15.21 -17.75
C THR A 243 12.01 15.52 -16.31
N GLY A 244 11.77 14.57 -15.42
CA GLY A 244 12.25 14.68 -14.06
C GLY A 244 13.30 13.63 -13.77
N SER A 245 14.45 14.03 -13.24
CA SER A 245 15.59 13.14 -13.07
C SER A 245 16.07 13.14 -11.63
N ASP A 246 17.11 12.34 -11.39
CA ASP A 246 17.68 12.19 -10.06
C ASP A 246 18.43 13.44 -9.59
N ASP A 247 18.71 14.38 -10.48
CA ASP A 247 19.41 15.60 -10.11
C ASP A 247 18.50 16.65 -9.47
N ALA A 248 17.27 16.27 -9.13
CA ALA A 248 16.32 17.12 -8.40
C ALA A 248 15.88 18.33 -9.22
N THR A 249 15.98 18.25 -10.55
CA THR A 249 15.52 19.32 -11.43
C THR A 249 14.57 18.73 -12.47
N CYS A 250 13.49 19.44 -12.73
CA CYS A 250 12.59 19.11 -13.84
C CYS A 250 12.91 20.03 -15.00
N ARG A 251 13.09 19.44 -16.18
CA ARG A 251 13.48 20.18 -17.38
C ARG A 251 12.40 19.99 -18.44
N LEU A 252 11.95 21.10 -19.02
CA LEU A 252 10.90 21.08 -20.03
C LEU A 252 11.52 21.21 -21.41
N PHE A 253 11.31 20.19 -22.24
CA PHE A 253 11.82 20.18 -23.60
C PHE A 253 10.70 20.49 -24.58
N ASP A 254 11.06 21.17 -25.67
CA ASP A 254 10.11 21.58 -26.70
C ASP A 254 10.45 20.86 -28.00
N LEU A 255 9.44 20.23 -28.60
CA LEU A 255 9.68 19.37 -29.76
C LEU A 255 10.13 20.17 -30.96
N ARG A 256 9.38 21.23 -31.31
CA ARG A 256 9.69 21.98 -32.52
C ARG A 256 11.00 22.74 -32.41
N ALA A 257 11.29 23.32 -31.25
CA ALA A 257 12.57 24.00 -31.04
C ALA A 257 13.72 23.02 -30.87
N ASP A 258 13.44 21.80 -30.40
CA ASP A 258 14.46 20.77 -30.17
C ASP A 258 15.50 21.26 -29.16
N GLN A 259 15.06 22.07 -28.19
CA GLN A 259 15.94 22.55 -27.14
C GLN A 259 15.33 22.31 -25.77
N GLU A 260 15.95 22.91 -24.75
CA GLU A 260 15.47 22.85 -23.37
C GLU A 260 14.93 24.22 -22.99
N LEU A 261 13.69 24.26 -22.50
CA LEU A 261 13.03 25.54 -22.27
C LEU A 261 13.46 26.17 -20.95
N MET A 262 13.21 25.48 -19.84
CA MET A 262 13.69 25.93 -18.54
C MET A 262 13.97 24.71 -17.67
N THR A 263 14.48 24.98 -16.46
CA THR A 263 14.80 23.95 -15.49
C THR A 263 14.07 24.27 -14.19
N TYR A 264 13.06 23.46 -13.87
CA TYR A 264 12.30 23.65 -12.62
C TYR A 264 13.13 23.09 -11.47
N SER A 265 14.11 23.90 -11.05
CA SER A 265 15.05 23.50 -10.01
C SER A 265 15.01 24.52 -8.88
N HIS A 266 15.00 24.02 -7.65
CA HIS A 266 15.07 24.85 -6.45
C HIS A 266 16.24 24.38 -5.60
N ASP A 267 17.04 25.33 -5.11
CA ASP A 267 18.21 24.99 -4.30
C ASP A 267 17.81 24.35 -2.97
N ASN A 268 16.59 24.59 -2.49
CA ASN A 268 16.14 24.01 -1.22
C ASN A 268 16.05 22.49 -1.33
N ILE A 269 15.55 22.00 -2.46
CA ILE A 269 15.29 20.57 -2.63
C ILE A 269 16.45 19.92 -3.35
N ILE A 270 16.87 18.77 -2.84
CA ILE A 270 17.98 18.03 -3.44
C ILE A 270 17.60 16.60 -3.83
N CYS A 271 16.50 16.06 -3.32
CA CYS A 271 16.11 14.69 -3.64
C CYS A 271 15.63 14.59 -5.08
N GLY A 272 15.91 13.45 -5.70
CA GLY A 272 15.57 13.25 -7.10
C GLY A 272 14.08 13.08 -7.32
N ILE A 273 13.71 13.13 -8.61
CA ILE A 273 12.31 13.09 -9.02
C ILE A 273 11.88 11.64 -9.18
N THR A 274 10.63 11.33 -8.83
CA THR A 274 10.08 10.00 -9.04
C THR A 274 8.92 9.97 -10.03
N SER A 275 8.22 11.09 -10.23
CA SER A 275 7.10 11.13 -11.15
C SER A 275 6.88 12.57 -11.57
N VAL A 276 6.52 12.76 -12.85
CA VAL A 276 6.26 14.08 -13.41
C VAL A 276 5.03 13.97 -14.30
N SER A 277 4.10 14.92 -14.16
CA SER A 277 2.93 14.96 -15.02
C SER A 277 2.36 16.38 -15.04
N PHE A 278 1.70 16.70 -16.15
CA PHE A 278 1.10 18.02 -16.35
C PHE A 278 -0.37 18.01 -15.98
N SER A 279 -0.94 19.22 -15.91
CA SER A 279 -2.37 19.38 -15.73
C SER A 279 -3.06 19.43 -17.09
N LYS A 280 -4.38 19.60 -17.07
CA LYS A 280 -5.15 19.56 -18.33
C LYS A 280 -4.77 20.72 -19.24
N SER A 281 -4.65 21.92 -18.69
CA SER A 281 -4.23 23.07 -19.48
C SER A 281 -2.71 23.14 -19.65
N GLY A 282 -1.95 22.33 -18.91
CA GLY A 282 -0.52 22.30 -19.03
C GLY A 282 0.22 23.37 -18.27
N ARG A 283 -0.49 24.26 -17.55
CA ARG A 283 0.19 25.34 -16.85
C ARG A 283 0.86 24.84 -15.57
N LEU A 284 0.30 23.80 -14.95
CA LEU A 284 0.85 23.25 -13.71
C LEU A 284 1.60 21.96 -14.00
N LEU A 285 2.82 21.87 -13.49
CA LEU A 285 3.63 20.66 -13.57
C LEU A 285 3.77 20.10 -12.17
N LEU A 286 3.22 18.91 -11.95
CA LEU A 286 3.23 18.27 -10.64
C LEU A 286 4.28 17.17 -10.64
N ALA A 287 5.24 17.27 -9.73
CA ALA A 287 6.37 16.36 -9.69
C ALA A 287 6.53 15.81 -8.27
N GLY A 288 6.41 14.49 -8.13
CA GLY A 288 6.66 13.84 -6.86
C GLY A 288 8.14 13.57 -6.67
N TYR A 289 8.61 13.72 -5.43
CA TYR A 289 10.03 13.62 -5.13
C TYR A 289 10.30 12.51 -4.11
N ASP A 290 11.59 12.24 -3.94
CA ASP A 290 12.08 11.39 -2.87
C ASP A 290 11.96 12.05 -1.51
N ASP A 291 11.67 13.36 -1.47
CA ASP A 291 11.60 14.15 -0.25
C ASP A 291 10.27 14.00 0.48
N PHE A 292 9.51 12.95 0.18
CA PHE A 292 8.27 12.57 0.86
C PHE A 292 7.10 13.48 0.51
N ASN A 293 7.27 14.39 -0.45
CA ASN A 293 6.19 15.28 -0.84
C ASN A 293 6.37 15.70 -2.29
N CYS A 294 5.29 16.18 -2.89
CA CYS A 294 5.28 16.60 -4.28
C CYS A 294 5.27 18.12 -4.40
N ASN A 295 5.73 18.60 -5.54
CA ASN A 295 5.78 20.02 -5.84
C ASN A 295 4.91 20.33 -7.05
N VAL A 296 4.38 21.54 -7.10
CA VAL A 296 3.52 21.99 -8.18
C VAL A 296 4.13 23.30 -8.70
N TRP A 297 4.77 23.24 -9.86
CA TRP A 297 5.36 24.43 -10.47
C TRP A 297 4.48 24.98 -11.57
N ASP A 298 4.68 26.27 -11.84
CA ASP A 298 4.10 26.96 -12.98
C ASP A 298 4.98 26.66 -14.19
N ALA A 299 4.43 25.93 -15.16
CA ALA A 299 5.24 25.42 -16.27
C ALA A 299 5.84 26.53 -17.12
N LEU A 300 5.35 27.76 -17.01
CA LEU A 300 5.88 28.86 -17.81
C LEU A 300 6.67 29.87 -17.01
N LYS A 301 6.58 29.85 -15.67
CA LYS A 301 7.35 30.73 -14.82
C LYS A 301 8.41 30.02 -14.00
N ALA A 302 8.39 28.68 -13.98
CA ALA A 302 9.40 27.86 -13.31
C ALA A 302 9.51 28.15 -11.82
N ASP A 303 8.43 28.60 -11.20
CA ASP A 303 8.39 28.83 -9.76
C ASP A 303 7.49 27.81 -9.08
N ARG A 304 7.75 27.61 -7.79
CA ARG A 304 6.98 26.63 -7.01
C ARG A 304 5.67 27.25 -6.59
N ALA A 305 4.61 26.97 -7.34
CA ALA A 305 3.29 27.52 -7.05
C ALA A 305 2.58 26.79 -5.92
N GLY A 306 3.01 25.57 -5.58
CA GLY A 306 2.36 24.87 -4.49
C GLY A 306 3.13 23.63 -4.08
N VAL A 307 2.75 23.10 -2.92
CA VAL A 307 3.35 21.89 -2.38
C VAL A 307 2.23 20.94 -1.97
N LEU A 308 2.35 19.68 -2.37
CA LEU A 308 1.40 18.63 -1.99
C LEU A 308 2.12 17.72 -1.01
N ALA A 309 1.94 17.96 0.28
CA ALA A 309 2.64 17.25 1.34
C ALA A 309 1.62 16.59 2.26
N GLY A 310 1.33 15.33 1.98
CA GLY A 310 0.44 14.55 2.84
C GLY A 310 0.90 13.11 2.97
N HIS A 311 2.05 12.79 2.38
CA HIS A 311 2.54 11.43 2.30
C HIS A 311 3.70 11.22 3.28
N ASP A 312 3.65 10.11 4.02
CA ASP A 312 4.68 9.79 4.99
C ASP A 312 5.96 9.29 4.35
N ASN A 313 5.92 8.87 3.09
CA ASN A 313 7.10 8.36 2.40
C ASN A 313 7.18 9.03 1.02
N ARG A 314 8.14 8.58 0.22
CA ARG A 314 8.38 9.18 -1.09
C ARG A 314 7.18 8.94 -1.99
N VAL A 315 6.88 9.91 -2.84
CA VAL A 315 5.77 9.82 -3.78
C VAL A 315 6.32 9.12 -5.02
N SER A 316 5.90 7.87 -5.22
CA SER A 316 6.44 7.06 -6.31
C SER A 316 5.74 7.36 -7.63
N CYS A 317 4.41 7.45 -7.64
CA CYS A 317 3.66 7.68 -8.85
C CYS A 317 2.70 8.84 -8.65
N LEU A 318 2.39 9.54 -9.74
CA LEU A 318 1.49 10.68 -9.67
C LEU A 318 0.84 10.86 -11.04
N GLY A 319 -0.48 10.77 -11.08
CA GLY A 319 -1.21 10.89 -12.32
C GLY A 319 -2.28 11.96 -12.23
N VAL A 320 -2.67 12.45 -13.40
CA VAL A 320 -3.70 13.48 -13.53
C VAL A 320 -4.80 12.95 -14.43
N THR A 321 -6.05 13.16 -14.01
CA THR A 321 -7.19 12.67 -14.78
C THR A 321 -7.25 13.33 -16.15
N ASP A 322 -7.88 12.63 -17.09
CA ASP A 322 -7.97 13.15 -18.45
C ASP A 322 -8.76 14.45 -18.52
N ASP A 323 -9.77 14.60 -17.67
CA ASP A 323 -10.55 15.83 -17.61
C ASP A 323 -9.95 16.89 -16.69
N GLY A 324 -8.82 16.59 -16.05
CA GLY A 324 -8.18 17.54 -15.17
C GLY A 324 -8.90 17.82 -13.88
N MET A 325 -9.74 16.90 -13.41
CA MET A 325 -10.51 17.15 -12.19
C MET A 325 -9.65 17.04 -10.94
N ALA A 326 -8.77 16.04 -10.88
CA ALA A 326 -7.99 15.78 -9.67
C ALA A 326 -6.62 15.23 -10.05
N VAL A 327 -5.75 15.10 -9.04
CA VAL A 327 -4.41 14.55 -9.21
C VAL A 327 -4.24 13.49 -8.14
N ALA A 328 -4.04 12.24 -8.55
CA ALA A 328 -3.88 11.13 -7.61
C ALA A 328 -2.42 10.78 -7.48
N THR A 329 -1.91 10.80 -6.25
CA THR A 329 -0.52 10.48 -5.97
C THR A 329 -0.45 9.23 -5.10
N GLY A 330 0.34 8.26 -5.56
CA GLY A 330 0.59 7.04 -4.81
C GLY A 330 2.03 7.02 -4.32
N SER A 331 2.19 6.80 -3.03
CA SER A 331 3.50 6.86 -2.39
C SER A 331 3.86 5.50 -1.83
N TRP A 332 4.99 5.45 -1.11
CA TRP A 332 5.51 4.21 -0.56
C TRP A 332 4.87 3.84 0.77
N ASP A 333 3.98 4.68 1.31
CA ASP A 333 3.28 4.36 2.55
C ASP A 333 1.95 3.68 2.30
N SER A 334 1.80 2.99 1.17
CA SER A 334 0.64 2.16 0.83
C SER A 334 -0.60 2.98 0.55
N PHE A 335 -0.48 4.29 0.38
CA PHE A 335 -1.63 5.19 0.40
C PHE A 335 -1.70 5.97 -0.92
N LEU A 336 -2.88 5.93 -1.55
CA LEU A 336 -3.15 6.76 -2.71
C LEU A 336 -4.04 7.92 -2.28
N LYS A 337 -3.55 9.14 -2.47
CA LYS A 337 -4.26 10.34 -2.07
C LYS A 337 -4.70 11.10 -3.32
N ILE A 338 -5.99 11.41 -3.40
CA ILE A 338 -6.57 12.10 -4.54
C ILE A 338 -6.69 13.58 -4.15
N TRP A 339 -5.70 14.37 -4.53
CA TRP A 339 -5.69 15.79 -4.27
C TRP A 339 -6.54 16.52 -5.31
N ASN A 340 -7.14 17.63 -4.88
CA ASN A 340 -7.99 18.41 -5.76
C ASN A 340 -8.08 19.84 -5.21
N GLY A 341 -8.47 20.76 -6.08
CA GLY A 341 -8.58 22.15 -5.68
C GLY A 341 -9.67 22.39 -4.66
N SER A 342 -9.60 23.56 -4.03
CA SER A 342 -10.47 23.90 -2.91
C SER A 342 -11.60 24.84 -3.31
N SER A 343 -11.27 26.01 -3.85
CA SER A 343 -12.27 27.01 -4.20
C SER A 343 -13.15 26.53 -5.34
N ASP B 39 -20.27 -23.33 -20.66
CA ASP B 39 -19.71 -22.10 -20.11
C ASP B 39 -20.81 -21.07 -19.83
N VAL B 40 -20.55 -20.22 -18.83
CA VAL B 40 -21.43 -19.16 -18.34
C VAL B 40 -22.90 -19.55 -18.42
N GLN B 41 -23.22 -20.80 -18.07
CA GLN B 41 -24.56 -21.33 -18.18
C GLN B 41 -25.09 -21.67 -16.79
N LEU B 42 -26.36 -21.35 -16.56
CA LEU B 42 -27.05 -21.57 -15.30
C LEU B 42 -28.13 -22.62 -15.52
N VAL B 43 -27.78 -23.89 -15.30
CA VAL B 43 -28.79 -24.93 -15.39
C VAL B 43 -29.67 -24.89 -14.15
N GLU B 44 -30.90 -25.38 -14.29
CA GLU B 44 -31.82 -25.39 -13.16
C GLU B 44 -32.54 -26.73 -13.08
N SER B 45 -32.85 -27.13 -11.85
CA SER B 45 -33.50 -28.40 -11.58
C SER B 45 -34.49 -28.23 -10.44
N GLY B 46 -35.48 -29.11 -10.42
CA GLY B 46 -36.57 -29.05 -9.46
C GLY B 46 -37.87 -28.64 -10.12
N GLY B 47 -38.92 -28.58 -9.31
CA GLY B 47 -40.21 -28.15 -9.79
C GLY B 47 -41.23 -29.26 -9.93
N GLY B 48 -42.08 -29.16 -10.94
CA GLY B 48 -43.14 -30.14 -11.15
C GLY B 48 -44.36 -29.86 -10.30
N LEU B 49 -45.34 -30.75 -10.43
CA LEU B 49 -46.58 -30.63 -9.68
C LEU B 49 -46.32 -30.93 -8.21
N VAL B 50 -46.66 -29.98 -7.34
CA VAL B 50 -46.43 -30.11 -5.90
C VAL B 50 -47.70 -29.72 -5.17
N GLN B 51 -47.80 -30.21 -3.92
CA GLN B 51 -48.94 -29.88 -3.08
C GLN B 51 -48.72 -28.52 -2.41
N PRO B 52 -49.81 -27.81 -2.07
CA PRO B 52 -49.65 -26.51 -1.40
C PRO B 52 -48.93 -26.58 -0.07
N GLY B 53 -49.10 -27.68 0.68
CA GLY B 53 -48.50 -27.82 1.99
C GLY B 53 -47.12 -28.44 2.03
N GLY B 54 -46.49 -28.66 0.88
CA GLY B 54 -45.20 -29.31 0.81
C GLY B 54 -44.10 -28.33 0.42
N SER B 55 -43.05 -28.31 1.23
CA SER B 55 -41.88 -27.50 0.92
C SER B 55 -41.11 -28.09 -0.26
N ARG B 56 -40.44 -27.21 -1.00
CA ARG B 56 -39.73 -27.61 -2.20
C ARG B 56 -38.36 -26.97 -2.26
N LYS B 57 -37.42 -27.66 -2.89
CA LYS B 57 -36.09 -27.16 -3.16
C LYS B 57 -35.93 -26.95 -4.66
N LEU B 58 -35.61 -25.73 -5.07
CA LEU B 58 -35.45 -25.41 -6.48
C LEU B 58 -34.02 -24.93 -6.68
N SER B 59 -33.23 -25.70 -7.43
CA SER B 59 -31.79 -25.46 -7.49
C SER B 59 -31.38 -24.89 -8.84
N CYS B 60 -30.36 -24.04 -8.82
CA CYS B 60 -29.69 -23.55 -10.02
C CYS B 60 -28.19 -23.76 -9.85
N SER B 61 -27.58 -24.42 -10.82
CA SER B 61 -26.16 -24.71 -10.82
C SER B 61 -25.47 -23.85 -11.87
N ALA B 62 -24.39 -23.19 -11.47
CA ALA B 62 -23.65 -22.29 -12.33
C ALA B 62 -22.38 -22.97 -12.82
N SER B 63 -22.19 -23.01 -14.14
CA SER B 63 -21.00 -23.59 -14.71
C SER B 63 -20.40 -22.63 -15.73
N GLY B 64 -19.09 -22.42 -15.62
CA GLY B 64 -18.38 -21.60 -16.58
C GLY B 64 -18.15 -20.17 -16.19
N PHE B 65 -18.43 -19.79 -14.95
CA PHE B 65 -18.08 -18.44 -14.48
C PHE B 65 -17.94 -18.46 -12.98
N ALA B 66 -17.33 -17.41 -12.44
CA ALA B 66 -17.03 -17.30 -11.02
C ALA B 66 -18.33 -17.01 -10.27
N PHE B 67 -18.88 -18.06 -9.65
CA PHE B 67 -20.13 -17.91 -8.91
C PHE B 67 -19.90 -17.23 -7.56
N SER B 68 -18.70 -17.39 -6.98
CA SER B 68 -18.45 -16.86 -5.64
C SER B 68 -18.54 -15.34 -5.61
N SER B 69 -18.04 -14.68 -6.65
CA SER B 69 -18.01 -13.22 -6.69
C SER B 69 -19.27 -12.61 -7.27
N PHE B 70 -20.27 -13.42 -7.63
CA PHE B 70 -21.50 -12.93 -8.23
C PHE B 70 -22.64 -13.01 -7.23
N GLY B 71 -23.38 -11.91 -7.09
CA GLY B 71 -24.65 -11.97 -6.41
C GLY B 71 -25.68 -12.68 -7.26
N MET B 72 -26.77 -13.11 -6.63
CA MET B 72 -27.75 -13.95 -7.30
C MET B 72 -29.16 -13.46 -7.02
N HIS B 73 -30.06 -13.76 -7.96
CA HIS B 73 -31.47 -13.38 -7.88
C HIS B 73 -32.32 -14.56 -8.29
N TRP B 74 -33.51 -14.64 -7.70
CA TRP B 74 -34.56 -15.56 -8.13
C TRP B 74 -35.73 -14.73 -8.63
N VAL B 75 -36.17 -15.01 -9.87
CA VAL B 75 -37.19 -14.21 -10.54
C VAL B 75 -38.29 -15.14 -11.05
N ARG B 76 -39.53 -14.66 -10.98
CA ARG B 76 -40.71 -15.44 -11.32
C ARG B 76 -41.37 -14.89 -12.57
N GLN B 77 -41.87 -15.81 -13.41
CA GLN B 77 -42.61 -15.48 -14.63
C GLN B 77 -43.97 -16.18 -14.54
N ALA B 78 -45.04 -15.42 -14.36
CA ALA B 78 -46.36 -16.03 -14.35
C ALA B 78 -46.72 -16.50 -15.77
N PRO B 79 -47.44 -17.62 -15.88
CA PRO B 79 -47.78 -18.16 -17.20
C PRO B 79 -48.48 -17.15 -18.10
N GLU B 80 -47.85 -16.84 -19.24
CA GLU B 80 -48.37 -15.87 -20.21
C GLU B 80 -48.61 -14.50 -19.57
N LYS B 81 -47.80 -14.15 -18.58
CA LYS B 81 -47.92 -12.86 -17.91
C LYS B 81 -46.55 -12.18 -17.81
N GLY B 82 -46.46 -11.12 -17.02
CA GLY B 82 -45.20 -10.43 -16.81
C GLY B 82 -44.33 -11.14 -15.80
N LEU B 83 -43.21 -10.50 -15.47
CA LEU B 83 -42.23 -11.03 -14.54
C LEU B 83 -42.33 -10.30 -13.20
N GLU B 84 -41.65 -10.83 -12.19
CA GLU B 84 -41.62 -10.22 -10.87
C GLU B 84 -40.44 -10.78 -10.10
N TRP B 85 -39.61 -9.89 -9.56
CA TRP B 85 -38.44 -10.35 -8.81
C TRP B 85 -38.87 -10.96 -7.49
N VAL B 86 -38.29 -12.11 -7.16
CA VAL B 86 -38.67 -12.84 -5.95
C VAL B 86 -37.65 -12.73 -4.84
N ALA B 87 -36.36 -12.93 -5.09
CA ALA B 87 -35.39 -12.91 -4.01
C ALA B 87 -34.03 -12.50 -4.55
N TYR B 88 -33.15 -12.07 -3.63
CA TYR B 88 -31.80 -11.67 -4.01
C TYR B 88 -30.86 -11.95 -2.83
N ILE B 89 -29.66 -12.40 -3.14
CA ILE B 89 -28.62 -12.62 -2.13
C ILE B 89 -27.29 -12.17 -2.70
N SER B 90 -26.58 -11.31 -1.97
CA SER B 90 -25.33 -10.75 -2.46
C SER B 90 -24.21 -11.79 -2.38
N SER B 91 -23.07 -11.43 -2.95
CA SER B 91 -21.90 -12.30 -2.89
C SER B 91 -21.45 -12.49 -1.45
N GLY B 92 -21.15 -13.74 -1.08
CA GLY B 92 -20.79 -14.04 0.29
C GLY B 92 -21.94 -14.06 1.25
N SER B 93 -23.18 -14.01 0.76
CA SER B 93 -24.39 -14.03 1.59
C SER B 93 -24.43 -12.87 2.58
N GLY B 94 -23.78 -11.75 2.26
CA GLY B 94 -23.80 -10.61 3.16
C GLY B 94 -25.17 -9.98 3.28
N THR B 95 -25.86 -9.80 2.16
CA THR B 95 -27.17 -9.15 2.12
C THR B 95 -28.17 -10.09 1.47
N ILE B 96 -29.31 -10.30 2.14
CA ILE B 96 -30.37 -11.16 1.62
C ILE B 96 -31.67 -10.37 1.67
N TYR B 97 -32.30 -10.19 0.52
CA TYR B 97 -33.56 -9.46 0.39
C TYR B 97 -34.61 -10.35 -0.24
N TYR B 98 -35.85 -10.24 0.23
CA TYR B 98 -36.95 -11.02 -0.30
C TYR B 98 -38.06 -10.09 -0.76
N ALA B 99 -38.88 -10.59 -1.69
CA ALA B 99 -40.02 -9.82 -2.17
C ALA B 99 -41.09 -9.74 -1.08
N ASP B 100 -41.88 -8.66 -1.14
CA ASP B 100 -42.94 -8.46 -0.17
C ASP B 100 -44.01 -9.54 -0.24
N THR B 101 -44.25 -10.11 -1.41
CA THR B 101 -45.28 -11.12 -1.60
C THR B 101 -44.89 -12.49 -1.07
N VAL B 102 -43.61 -12.75 -0.87
CA VAL B 102 -43.15 -14.07 -0.48
C VAL B 102 -42.26 -13.99 0.75
N LYS B 103 -42.36 -12.90 1.50
CA LYS B 103 -41.55 -12.73 2.68
C LYS B 103 -42.02 -13.66 3.80
N GLY B 104 -41.09 -14.37 4.41
CA GLY B 104 -41.37 -15.21 5.55
C GLY B 104 -41.50 -16.69 5.24
N ARG B 105 -41.73 -17.06 3.98
CA ARG B 105 -41.87 -18.46 3.61
C ARG B 105 -40.84 -18.92 2.58
N PHE B 106 -40.03 -18.02 2.06
CA PHE B 106 -38.98 -18.36 1.11
C PHE B 106 -37.63 -18.14 1.75
N THR B 107 -36.64 -18.96 1.39
CA THR B 107 -35.27 -18.78 1.83
C THR B 107 -34.30 -19.04 0.70
N ILE B 108 -33.14 -18.39 0.73
CA ILE B 108 -32.08 -18.59 -0.24
C ILE B 108 -30.75 -18.71 0.49
N SER B 109 -29.89 -19.60 0.01
CA SER B 109 -28.51 -19.69 0.48
C SER B 109 -27.65 -20.24 -0.65
N ARG B 110 -26.35 -19.96 -0.57
CA ARG B 110 -25.42 -20.29 -1.65
C ARG B 110 -24.37 -21.27 -1.17
N ASP B 111 -24.05 -22.24 -2.02
CA ASP B 111 -22.93 -23.15 -1.81
C ASP B 111 -21.86 -22.78 -2.83
N ASP B 112 -20.93 -21.92 -2.39
CA ASP B 112 -19.85 -21.47 -3.27
C ASP B 112 -18.94 -22.60 -3.73
N PRO B 113 -18.47 -23.51 -2.86
CA PRO B 113 -17.63 -24.61 -3.37
C PRO B 113 -18.31 -25.46 -4.42
N LYS B 114 -19.63 -25.65 -4.32
CA LYS B 114 -20.38 -26.40 -5.31
C LYS B 114 -21.01 -25.51 -6.37
N ASN B 115 -20.84 -24.19 -6.28
CA ASN B 115 -21.36 -23.25 -7.27
C ASN B 115 -22.87 -23.43 -7.47
N THR B 116 -23.59 -23.53 -6.35
CA THR B 116 -25.01 -23.84 -6.41
C THR B 116 -25.80 -22.79 -5.61
N LEU B 117 -26.99 -22.46 -6.12
CA LEU B 117 -27.90 -21.58 -5.40
C LEU B 117 -29.28 -22.21 -5.42
N PHE B 118 -29.85 -22.49 -4.25
CA PHE B 118 -31.15 -23.13 -4.17
C PHE B 118 -32.10 -22.30 -3.35
N LEU B 119 -33.35 -22.28 -3.80
CA LEU B 119 -34.44 -21.60 -3.11
C LEU B 119 -35.29 -22.65 -2.40
N GLN B 120 -35.51 -22.44 -1.10
CA GLN B 120 -36.34 -23.32 -0.28
C GLN B 120 -37.69 -22.64 -0.10
N MET B 121 -38.75 -23.37 -0.43
CA MET B 121 -40.09 -22.82 -0.55
C MET B 121 -41.02 -23.53 0.43
N THR B 122 -41.66 -22.77 1.31
CA THR B 122 -42.55 -23.33 2.33
C THR B 122 -43.95 -22.76 2.15
N SER B 123 -44.95 -23.62 2.37
CA SER B 123 -46.36 -23.26 2.26
C SER B 123 -46.67 -22.68 0.87
N LEU B 124 -46.49 -23.55 -0.13
CA LEU B 124 -46.70 -23.17 -1.52
C LEU B 124 -48.15 -22.73 -1.73
N ARG B 125 -48.33 -21.67 -2.50
CA ARG B 125 -49.65 -21.13 -2.81
C ARG B 125 -49.98 -21.36 -4.27
N SER B 126 -51.24 -21.08 -4.62
CA SER B 126 -51.71 -21.26 -5.99
C SER B 126 -51.07 -20.28 -6.97
N GLU B 127 -50.52 -19.18 -6.49
CA GLU B 127 -49.88 -18.19 -7.35
C GLU B 127 -48.40 -18.47 -7.58
N ASP B 128 -47.87 -19.56 -7.03
CA ASP B 128 -46.50 -19.97 -7.27
C ASP B 128 -46.35 -20.86 -8.49
N THR B 129 -47.45 -21.20 -9.16
CA THR B 129 -47.41 -21.98 -10.39
C THR B 129 -46.88 -21.09 -11.50
N ALA B 130 -45.56 -21.15 -11.74
CA ALA B 130 -44.94 -20.19 -12.63
C ALA B 130 -43.56 -20.69 -13.06
N MET B 131 -43.03 -20.03 -14.09
CA MET B 131 -41.65 -20.22 -14.50
C MET B 131 -40.73 -19.56 -13.48
N TYR B 132 -39.56 -20.15 -13.25
CA TYR B 132 -38.59 -19.62 -12.31
C TYR B 132 -37.22 -19.54 -12.97
N TYR B 133 -36.51 -18.43 -12.71
CA TYR B 133 -35.23 -18.15 -13.33
C TYR B 133 -34.22 -17.73 -12.27
N CYS B 134 -33.02 -18.29 -12.35
CA CYS B 134 -31.92 -17.95 -11.46
C CYS B 134 -30.95 -17.05 -12.22
N VAL B 135 -30.75 -15.83 -11.74
CA VAL B 135 -30.07 -14.79 -12.49
C VAL B 135 -28.84 -14.31 -11.74
N ARG B 136 -27.70 -14.30 -12.44
CA ARG B 136 -26.45 -13.80 -11.88
C ARG B 136 -26.42 -12.29 -11.99
N SER B 137 -25.67 -11.65 -11.09
CA SER B 137 -25.64 -10.19 -11.03
C SER B 137 -24.38 -9.75 -10.28
N ILE B 138 -23.50 -9.04 -10.98
CA ILE B 138 -22.30 -8.47 -10.38
C ILE B 138 -22.43 -6.95 -10.40
N TYR B 139 -22.01 -6.31 -9.30
CA TYR B 139 -22.21 -4.88 -9.11
C TYR B 139 -20.87 -4.18 -8.94
N TYR B 140 -20.49 -3.39 -9.93
CA TYR B 140 -19.39 -2.44 -9.82
C TYR B 140 -19.58 -1.42 -10.91
N TYR B 141 -18.78 -0.34 -10.84
CA TYR B 141 -18.90 0.73 -11.82
C TYR B 141 -18.62 0.18 -13.21
N GLY B 142 -19.56 0.40 -14.14
CA GLY B 142 -19.43 -0.07 -15.50
C GLY B 142 -19.98 -1.46 -15.75
N SER B 143 -20.46 -2.14 -14.72
CA SER B 143 -20.95 -3.50 -14.87
C SER B 143 -22.37 -3.52 -15.42
N SER B 144 -22.72 -4.66 -16.01
CA SER B 144 -24.07 -4.93 -16.50
C SER B 144 -24.68 -5.97 -15.58
N PRO B 145 -25.32 -5.56 -14.48
CA PRO B 145 -25.59 -6.51 -13.40
C PRO B 145 -26.83 -7.37 -13.57
N PHE B 146 -27.15 -7.76 -14.82
CA PHE B 146 -28.02 -8.91 -15.13
C PHE B 146 -27.46 -9.47 -16.44
N ASP B 147 -26.55 -10.45 -16.31
CA ASP B 147 -25.79 -10.92 -17.46
C ASP B 147 -26.46 -12.10 -18.14
N PHE B 148 -26.67 -13.19 -17.41
CA PHE B 148 -27.22 -14.41 -17.97
C PHE B 148 -28.40 -14.87 -17.14
N TRP B 149 -29.51 -15.19 -17.80
CA TRP B 149 -30.66 -15.82 -17.18
C TRP B 149 -30.69 -17.27 -17.61
N GLY B 150 -30.55 -18.18 -16.66
CA GLY B 150 -30.50 -19.59 -16.99
C GLY B 150 -31.84 -20.14 -17.43
N GLN B 151 -31.79 -21.31 -18.06
CA GLN B 151 -33.01 -22.00 -18.45
C GLN B 151 -33.74 -22.43 -17.18
N GLY B 152 -34.81 -21.74 -16.85
CA GLY B 152 -35.47 -21.90 -15.58
C GLY B 152 -36.24 -23.21 -15.48
N THR B 153 -36.96 -23.33 -14.37
CA THR B 153 -37.78 -24.50 -14.09
C THR B 153 -39.21 -24.08 -13.77
N THR B 154 -40.17 -24.90 -14.17
CA THR B 154 -41.57 -24.61 -13.93
C THR B 154 -42.00 -25.19 -12.59
N LEU B 155 -42.89 -24.47 -11.90
CA LEU B 155 -43.47 -24.93 -10.65
C LEU B 155 -44.98 -25.00 -10.80
N THR B 156 -45.56 -26.16 -10.49
CA THR B 156 -46.99 -26.39 -10.61
C THR B 156 -47.57 -26.68 -9.24
N VAL B 157 -48.60 -25.93 -8.86
CA VAL B 157 -49.29 -26.09 -7.59
C VAL B 157 -50.74 -26.43 -7.87
N SER B 158 -51.21 -27.55 -7.30
CA SER B 158 -52.58 -27.99 -7.50
C SER B 158 -53.55 -27.20 -6.62
N SER B 174 -44.21 3.35 -1.10
CA SER B 174 -44.49 1.94 -1.35
C SER B 174 -43.48 1.34 -2.32
N ASP B 175 -43.99 0.72 -3.38
CA ASP B 175 -43.16 0.07 -4.39
C ASP B 175 -43.30 0.80 -5.72
N ILE B 176 -42.20 0.80 -6.49
CA ILE B 176 -42.21 1.45 -7.80
C ILE B 176 -43.03 0.62 -8.78
N VAL B 177 -43.89 1.28 -9.54
CA VAL B 177 -44.75 0.62 -10.52
C VAL B 177 -44.33 1.03 -11.92
N MET B 178 -44.42 0.10 -12.86
CA MET B 178 -44.09 0.33 -14.26
C MET B 178 -45.36 0.24 -15.10
N THR B 179 -45.61 1.24 -15.94
CA THR B 179 -46.84 1.28 -16.72
C THR B 179 -46.75 0.40 -17.97
N GLN B 180 -45.86 0.78 -18.89
CA GLN B 180 -45.73 0.12 -20.20
C GLN B 180 -47.10 -0.04 -20.87
N ALA B 181 -47.71 1.10 -21.20
CA ALA B 181 -49.06 1.10 -21.73
C ALA B 181 -49.16 0.30 -23.03
N THR B 182 -48.19 0.48 -23.93
CA THR B 182 -48.21 -0.23 -25.20
C THR B 182 -47.99 -1.72 -24.97
N SER B 183 -48.79 -2.55 -25.65
CA SER B 183 -48.69 -4.00 -25.50
C SER B 183 -48.73 -4.77 -26.80
N SER B 184 -49.12 -4.16 -27.92
CA SER B 184 -49.19 -4.86 -29.20
C SER B 184 -48.52 -4.03 -30.27
N VAL B 185 -47.66 -4.66 -31.06
CA VAL B 185 -46.92 -3.98 -32.13
C VAL B 185 -46.95 -4.87 -33.37
N PRO B 186 -47.11 -4.29 -34.57
CA PRO B 186 -47.03 -5.11 -35.79
C PRO B 186 -45.66 -5.79 -35.91
N VAL B 187 -45.68 -6.99 -36.47
CA VAL B 187 -44.49 -7.84 -36.54
C VAL B 187 -43.76 -7.59 -37.86
N THR B 188 -44.15 -6.54 -38.56
CA THR B 188 -43.54 -6.24 -39.85
C THR B 188 -42.06 -5.90 -39.66
N PRO B 189 -41.16 -6.60 -40.32
CA PRO B 189 -39.73 -6.31 -40.18
C PRO B 189 -39.28 -5.20 -41.13
N GLY B 190 -38.05 -4.74 -40.92
CA GLY B 190 -37.47 -3.69 -41.72
C GLY B 190 -37.90 -2.28 -41.35
N GLU B 191 -38.71 -2.12 -40.30
CA GLU B 191 -39.19 -0.83 -39.85
C GLU B 191 -38.29 -0.29 -38.75
N SER B 192 -38.74 0.78 -38.09
CA SER B 192 -38.04 1.36 -36.96
C SER B 192 -39.06 1.52 -35.82
N VAL B 193 -39.20 0.47 -35.02
CA VAL B 193 -40.20 0.46 -33.95
C VAL B 193 -39.57 1.01 -32.67
N SER B 194 -40.36 1.79 -31.93
CA SER B 194 -39.96 2.32 -30.64
C SER B 194 -40.94 1.83 -29.58
N ILE B 195 -40.41 1.35 -28.46
CA ILE B 195 -41.22 0.85 -27.36
C ILE B 195 -41.08 1.82 -26.19
N SER B 196 -42.22 2.31 -25.70
CA SER B 196 -42.24 3.34 -24.67
C SER B 196 -42.57 2.73 -23.30
N CYS B 197 -42.19 3.47 -22.26
CA CYS B 197 -42.46 3.05 -20.89
C CYS B 197 -42.45 4.27 -19.99
N ARG B 198 -43.12 4.14 -18.85
CA ARG B 198 -43.23 5.20 -17.87
C ARG B 198 -42.97 4.64 -16.48
N SER B 199 -42.55 5.53 -15.58
CA SER B 199 -42.25 5.16 -14.20
C SER B 199 -43.03 6.08 -13.25
N SER B 200 -43.42 5.52 -12.10
CA SER B 200 -44.11 6.33 -11.10
C SER B 200 -43.20 7.40 -10.54
N LYS B 201 -41.94 7.07 -10.29
CA LYS B 201 -40.94 8.01 -9.82
C LYS B 201 -39.73 7.96 -10.73
N SER B 202 -39.12 9.12 -10.98
CA SER B 202 -37.97 9.19 -11.87
C SER B 202 -36.84 8.32 -11.34
N LEU B 203 -36.26 7.53 -12.24
CA LEU B 203 -35.20 6.59 -11.89
C LEU B 203 -33.83 7.25 -11.82
N LEU B 204 -33.71 8.52 -12.20
CA LEU B 204 -32.43 9.21 -12.14
C LEU B 204 -32.02 9.41 -10.69
N HIS B 205 -30.75 9.15 -10.40
CA HIS B 205 -30.20 9.26 -9.05
C HIS B 205 -29.23 10.43 -8.98
N SER B 206 -28.72 10.67 -7.78
CA SER B 206 -27.74 11.74 -7.58
C SER B 206 -26.46 11.45 -8.36
N ASN B 207 -26.06 10.18 -8.41
CA ASN B 207 -24.84 9.82 -9.14
C ASN B 207 -24.94 10.15 -10.62
N GLY B 208 -26.08 9.85 -11.24
CA GLY B 208 -26.28 10.16 -12.65
C GLY B 208 -26.81 9.00 -13.46
N ASN B 209 -26.62 7.78 -12.97
CA ASN B 209 -27.05 6.59 -13.67
C ASN B 209 -28.49 6.26 -13.32
N THR B 210 -29.33 6.09 -14.36
CA THR B 210 -30.73 5.77 -14.18
C THR B 210 -30.90 4.26 -14.27
N TYR B 211 -31.35 3.64 -13.18
CA TYR B 211 -31.39 2.18 -13.06
C TYR B 211 -32.61 1.62 -13.78
N LEU B 212 -32.55 1.66 -15.11
CA LEU B 212 -33.56 1.07 -15.97
C LEU B 212 -32.92 -0.06 -16.77
N TYR B 213 -33.61 -1.19 -16.83
CA TYR B 213 -33.11 -2.38 -17.52
C TYR B 213 -34.15 -2.83 -18.54
N TRP B 214 -33.68 -3.19 -19.74
CA TRP B 214 -34.53 -3.68 -20.81
C TRP B 214 -34.11 -5.10 -21.17
N PHE B 215 -35.06 -6.03 -21.13
CA PHE B 215 -34.84 -7.43 -21.47
C PHE B 215 -35.73 -7.83 -22.64
N LEU B 216 -35.26 -8.82 -23.40
CA LEU B 216 -36.06 -9.45 -24.45
C LEU B 216 -36.16 -10.93 -24.14
N GLN B 217 -37.38 -11.46 -24.16
CA GLN B 217 -37.63 -12.87 -23.94
C GLN B 217 -38.17 -13.46 -25.24
N ARG B 218 -37.38 -14.36 -25.84
CA ARG B 218 -37.82 -15.03 -27.06
C ARG B 218 -38.94 -16.01 -26.73
N PRO B 219 -39.76 -16.35 -27.72
CA PRO B 219 -40.91 -17.24 -27.46
C PRO B 219 -40.52 -18.57 -26.83
N GLY B 220 -39.37 -19.14 -27.19
CA GLY B 220 -38.98 -20.43 -26.67
C GLY B 220 -37.64 -20.46 -25.98
N GLN B 221 -37.17 -19.30 -25.50
CA GLN B 221 -35.88 -19.23 -24.82
C GLN B 221 -36.02 -18.31 -23.62
N SER B 222 -35.04 -18.40 -22.72
CA SER B 222 -35.04 -17.58 -21.52
C SER B 222 -34.81 -16.11 -21.86
N PRO B 223 -35.29 -15.19 -21.02
CA PRO B 223 -35.05 -13.77 -21.29
C PRO B 223 -33.57 -13.42 -21.25
N GLN B 224 -33.19 -12.46 -22.07
CA GLN B 224 -31.80 -12.03 -22.20
C GLN B 224 -31.73 -10.52 -21.99
N LEU B 225 -30.60 -10.06 -21.46
CA LEU B 225 -30.37 -8.63 -21.35
C LEU B 225 -30.32 -7.99 -22.74
N LEU B 226 -30.99 -6.85 -22.88
CA LEU B 226 -30.78 -5.95 -24.00
C LEU B 226 -30.05 -4.69 -23.58
N ILE B 227 -30.42 -4.13 -22.43
CA ILE B 227 -29.85 -2.88 -21.96
C ILE B 227 -29.79 -2.90 -20.43
N TYR B 228 -28.58 -2.74 -19.88
CA TYR B 228 -28.43 -2.70 -18.43
C TYR B 228 -28.55 -1.29 -17.86
N ARG B 229 -28.57 -0.28 -18.72
CA ARG B 229 -28.84 1.10 -18.36
C ARG B 229 -29.05 1.88 -19.65
N MET B 230 -29.90 2.90 -19.59
CA MET B 230 -30.48 3.50 -20.80
C MET B 230 -29.44 3.87 -21.85
N SER B 231 -28.31 4.41 -21.44
CA SER B 231 -27.33 4.93 -22.39
C SER B 231 -26.27 3.91 -22.80
N ASN B 232 -26.33 2.68 -22.33
CA ASN B 232 -25.34 1.66 -22.67
C ASN B 232 -26.03 0.37 -23.11
N LEU B 233 -25.29 -0.47 -23.83
CA LEU B 233 -25.82 -1.68 -24.44
C LEU B 233 -25.04 -2.89 -23.95
N ALA B 234 -25.72 -4.03 -23.92
CA ALA B 234 -25.12 -5.27 -23.44
C ALA B 234 -24.01 -5.74 -24.37
N SER B 235 -23.34 -6.83 -23.97
CA SER B 235 -22.17 -7.30 -24.71
C SER B 235 -22.59 -8.04 -25.97
N GLY B 236 -23.34 -9.12 -25.83
CA GLY B 236 -23.73 -9.93 -26.97
C GLY B 236 -24.81 -9.33 -27.84
N VAL B 237 -25.49 -8.30 -27.36
CA VAL B 237 -26.53 -7.64 -28.16
C VAL B 237 -25.85 -6.79 -29.24
N PRO B 238 -26.27 -6.92 -30.50
CA PRO B 238 -25.67 -6.08 -31.55
C PRO B 238 -26.02 -4.61 -31.37
N ASP B 239 -25.33 -3.77 -32.12
CA ASP B 239 -25.55 -2.32 -32.06
C ASP B 239 -26.92 -1.91 -32.59
N ARG B 240 -27.78 -2.87 -32.93
CA ARG B 240 -29.10 -2.54 -33.48
C ARG B 240 -29.99 -1.86 -32.46
N PHE B 241 -29.92 -2.24 -31.18
CA PHE B 241 -30.79 -1.69 -30.16
C PHE B 241 -30.21 -0.42 -29.57
N SER B 242 -31.09 0.43 -29.03
CA SER B 242 -30.65 1.62 -28.32
C SER B 242 -31.72 2.00 -27.30
N GLY B 243 -31.33 2.81 -26.33
CA GLY B 243 -32.25 3.29 -25.32
C GLY B 243 -32.00 4.75 -25.02
N SER B 244 -33.09 5.47 -24.73
CA SER B 244 -32.99 6.89 -24.42
C SER B 244 -34.25 7.35 -23.70
N GLY B 245 -34.11 8.42 -22.92
CA GLY B 245 -35.26 8.95 -22.21
C GLY B 245 -34.84 9.92 -21.15
N SER B 246 -35.82 10.38 -20.37
CA SER B 246 -35.59 11.32 -19.29
C SER B 246 -36.62 11.12 -18.21
N GLY B 247 -36.21 11.29 -16.96
CA GLY B 247 -37.11 11.17 -15.83
C GLY B 247 -37.78 9.81 -15.76
N THR B 248 -39.08 9.78 -16.08
CA THR B 248 -39.84 8.55 -16.13
C THR B 248 -40.10 8.06 -17.55
N ALA B 249 -39.98 8.94 -18.54
CA ALA B 249 -40.24 8.57 -19.94
C ALA B 249 -39.03 7.80 -20.48
N PHE B 250 -39.23 6.54 -20.83
CA PHE B 250 -38.19 5.66 -21.32
C PHE B 250 -38.58 5.14 -22.69
N THR B 251 -37.60 5.05 -23.59
CA THR B 251 -37.84 4.59 -24.95
C THR B 251 -36.73 3.64 -25.37
N LEU B 252 -37.12 2.54 -26.01
CA LEU B 252 -36.19 1.61 -26.63
C LEU B 252 -36.39 1.70 -28.15
N THR B 253 -35.30 1.93 -28.87
CA THR B 253 -35.35 2.17 -30.31
C THR B 253 -34.62 1.05 -31.03
N ILE B 254 -35.21 0.59 -32.13
CA ILE B 254 -34.62 -0.42 -33.00
C ILE B 254 -34.55 0.14 -34.41
N SER B 255 -33.33 0.22 -34.96
CA SER B 255 -33.16 0.84 -36.27
C SER B 255 -33.73 -0.05 -37.38
N ARG B 256 -33.40 -1.34 -37.37
CA ARG B 256 -33.89 -2.28 -38.36
C ARG B 256 -34.36 -3.55 -37.66
N LEU B 257 -35.43 -4.14 -38.18
CA LEU B 257 -36.09 -5.27 -37.53
C LEU B 257 -35.74 -6.55 -38.26
N GLU B 258 -35.28 -7.55 -37.51
CA GLU B 258 -34.95 -8.86 -38.04
C GLU B 258 -35.89 -9.92 -37.49
N ALA B 259 -35.79 -11.12 -38.05
CA ALA B 259 -36.63 -12.24 -37.62
C ALA B 259 -36.28 -12.73 -36.22
N GLU B 260 -35.05 -12.53 -35.77
CA GLU B 260 -34.62 -12.96 -34.45
C GLU B 260 -34.99 -11.96 -33.36
N ASP B 261 -35.56 -10.82 -33.71
CA ASP B 261 -35.95 -9.81 -32.75
C ASP B 261 -37.37 -10.03 -32.22
N VAL B 262 -38.06 -11.05 -32.72
CA VAL B 262 -39.42 -11.32 -32.27
C VAL B 262 -39.39 -11.88 -30.84
N GLY B 263 -40.22 -11.30 -29.98
CA GLY B 263 -40.25 -11.73 -28.59
C GLY B 263 -41.10 -10.80 -27.76
N VAL B 264 -40.84 -10.79 -26.45
CA VAL B 264 -41.56 -9.95 -25.50
C VAL B 264 -40.54 -9.04 -24.82
N TYR B 265 -40.84 -7.75 -24.79
CA TYR B 265 -39.93 -6.78 -24.18
C TYR B 265 -40.39 -6.46 -22.75
N TYR B 266 -39.41 -6.37 -21.86
CA TYR B 266 -39.66 -6.15 -20.44
C TYR B 266 -38.76 -5.03 -19.94
N CYS B 267 -39.28 -4.22 -19.02
CA CYS B 267 -38.51 -3.15 -18.41
C CYS B 267 -38.51 -3.34 -16.89
N MET B 268 -37.44 -2.89 -16.25
CA MET B 268 -37.27 -3.07 -14.82
C MET B 268 -36.57 -1.84 -14.24
N GLN B 269 -36.85 -1.57 -12.96
CA GLN B 269 -36.12 -0.60 -12.17
C GLN B 269 -35.21 -1.33 -11.18
N HIS B 270 -34.09 -0.69 -10.84
CA HIS B 270 -33.20 -1.20 -9.81
C HIS B 270 -32.92 -0.16 -8.73
N LEU B 271 -33.56 1.00 -8.79
CA LEU B 271 -33.35 2.01 -7.75
C LEU B 271 -33.77 1.49 -6.39
N GLU B 272 -34.90 0.79 -6.32
CA GLU B 272 -35.39 0.19 -5.10
C GLU B 272 -35.39 -1.32 -5.25
N TYR B 273 -34.87 -2.01 -4.23
CA TYR B 273 -34.70 -3.46 -4.21
C TYR B 273 -36.01 -4.26 -4.29
N PRO B 274 -37.19 -3.66 -4.02
CA PRO B 274 -38.44 -4.33 -4.45
C PRO B 274 -38.43 -4.76 -5.92
N LEU B 275 -37.63 -4.09 -6.75
CA LEU B 275 -37.34 -4.49 -8.13
C LEU B 275 -38.57 -5.03 -8.86
N THR B 276 -39.60 -4.20 -8.93
CA THR B 276 -40.84 -4.57 -9.59
C THR B 276 -40.70 -4.43 -11.10
N PHE B 277 -41.15 -5.45 -11.82
CA PHE B 277 -41.01 -5.48 -13.27
C PHE B 277 -42.13 -4.66 -13.91
N GLY B 278 -42.30 -4.80 -15.22
CA GLY B 278 -43.41 -4.18 -15.91
C GLY B 278 -44.07 -5.16 -16.86
N ALA B 279 -45.33 -4.87 -17.19
CA ALA B 279 -46.09 -5.72 -18.09
C ALA B 279 -45.44 -5.72 -19.48
N GLY B 280 -45.23 -6.90 -20.04
CA GLY B 280 -44.49 -7.04 -21.26
C GLY B 280 -45.23 -6.56 -22.50
N THR B 281 -44.46 -6.31 -23.55
CA THR B 281 -44.98 -5.89 -24.85
C THR B 281 -44.64 -6.95 -25.88
N LYS B 282 -45.66 -7.40 -26.62
CA LYS B 282 -45.50 -8.44 -27.61
C LYS B 282 -45.44 -7.83 -29.01
N LEU B 283 -44.45 -8.26 -29.79
CA LEU B 283 -44.27 -7.74 -31.14
C LEU B 283 -45.04 -8.59 -32.16
N VAL C 5 -26.79 7.26 -1.48
CA VAL C 5 -26.34 5.93 -1.87
C VAL C 5 -27.53 5.10 -2.33
N SER C 6 -27.45 4.61 -3.57
CA SER C 6 -28.52 3.79 -4.13
C SER C 6 -28.26 2.31 -3.86
N ALA C 7 -29.10 1.46 -4.45
CA ALA C 7 -28.94 0.02 -4.30
C ALA C 7 -27.64 -0.46 -4.94
N GLU C 8 -27.35 0.03 -6.14
CA GLU C 8 -26.15 -0.42 -6.84
C GLU C 8 -24.89 0.08 -6.15
N ASP C 9 -24.91 1.30 -5.62
CA ASP C 9 -23.76 1.78 -4.85
C ASP C 9 -23.58 0.99 -3.57
N LYS C 10 -24.68 0.58 -2.94
CA LYS C 10 -24.57 -0.26 -1.74
C LYS C 10 -23.97 -1.62 -2.09
N ALA C 11 -24.39 -2.21 -3.21
CA ALA C 11 -23.82 -3.49 -3.62
C ALA C 11 -22.34 -3.35 -3.96
N ALA C 12 -21.96 -2.24 -4.61
CA ALA C 12 -20.55 -1.97 -4.87
C ALA C 12 -19.78 -1.82 -3.55
N ALA C 13 -20.40 -1.18 -2.56
CA ALA C 13 -19.74 -1.02 -1.27
C ALA C 13 -19.53 -2.37 -0.59
N GLU C 14 -20.50 -3.27 -0.68
CA GLU C 14 -20.30 -4.59 -0.10
C GLU C 14 -19.25 -5.40 -0.87
N ARG C 15 -19.19 -5.22 -2.18
CA ARG C 15 -18.11 -5.83 -2.95
C ARG C 15 -16.75 -5.31 -2.50
N SER C 16 -16.65 -4.00 -2.27
CA SER C 16 -15.41 -3.42 -1.77
C SER C 16 -15.08 -3.94 -0.37
N LYS C 17 -16.10 -4.16 0.45
CA LYS C 17 -15.88 -4.71 1.78
C LYS C 17 -15.33 -6.13 1.72
N MET C 18 -15.87 -6.95 0.81
CA MET C 18 -15.33 -8.28 0.62
C MET C 18 -13.89 -8.23 0.13
N ILE C 19 -13.60 -7.30 -0.79
CA ILE C 19 -12.23 -7.14 -1.27
C ILE C 19 -11.30 -6.72 -0.14
N GLU C 20 -11.79 -5.86 0.76
CA GLU C 20 -10.98 -5.44 1.90
C GLU C 20 -10.74 -6.60 2.85
N LYS C 21 -11.74 -7.46 3.06
CA LYS C 21 -11.53 -8.64 3.89
C LYS C 21 -10.46 -9.55 3.29
N GLN C 22 -10.53 -9.78 1.98
CA GLN C 22 -9.49 -10.57 1.32
C GLN C 22 -8.14 -9.88 1.42
N LEU C 23 -8.12 -8.55 1.36
CA LEU C 23 -6.88 -7.80 1.50
C LEU C 23 -6.26 -8.00 2.88
N GLN C 24 -7.09 -7.98 3.93
CA GLN C 24 -6.57 -8.22 5.28
C GLN C 24 -6.07 -9.66 5.42
N LYS C 25 -6.80 -10.61 4.85
CA LYS C 25 -6.35 -12.00 4.86
C LYS C 25 -4.99 -12.15 4.18
N ASP C 26 -4.76 -11.40 3.10
CA ASP C 26 -3.46 -11.42 2.45
C ASP C 26 -2.41 -10.63 3.24
N LYS C 27 -2.83 -9.60 3.96
CA LYS C 27 -1.89 -8.83 4.78
C LYS C 27 -1.30 -9.69 5.88
N GLN C 28 -2.11 -10.57 6.46
CA GLN C 28 -1.60 -11.51 7.45
C GLN C 28 -0.40 -12.28 6.90
N VAL C 29 -0.58 -12.90 5.72
CA VAL C 29 0.50 -13.67 5.12
C VAL C 29 1.67 -12.77 4.75
N TYR C 30 1.39 -11.59 4.19
CA TYR C 30 2.46 -10.71 3.74
C TYR C 30 3.35 -10.28 4.90
N ARG C 31 2.75 -9.93 6.05
CA ARG C 31 3.56 -9.59 7.21
C ARG C 31 4.17 -10.82 7.85
N ALA C 32 3.62 -12.00 7.57
CA ALA C 32 4.16 -13.23 8.17
C ALA C 32 5.48 -13.67 7.54
N THR C 33 5.76 -13.29 6.30
CA THR C 33 6.93 -13.78 5.58
C THR C 33 7.95 -12.66 5.40
N HIS C 34 9.23 -13.02 5.45
CA HIS C 34 10.33 -12.08 5.27
C HIS C 34 10.92 -12.23 3.88
N ARG C 35 11.14 -11.10 3.21
CA ARG C 35 11.65 -11.08 1.84
C ARG C 35 13.16 -10.88 1.86
N LEU C 36 13.89 -11.79 1.22
CA LEU C 36 15.33 -11.72 1.12
C LEU C 36 15.74 -11.52 -0.33
N LEU C 37 16.67 -10.60 -0.56
CA LEU C 37 17.15 -10.30 -1.90
C LEU C 37 18.48 -10.99 -2.11
N LEU C 38 18.53 -11.94 -3.04
CA LEU C 38 19.74 -12.69 -3.31
C LEU C 38 20.55 -12.00 -4.41
N LEU C 39 21.82 -11.74 -4.14
CA LEU C 39 22.73 -11.21 -5.13
C LEU C 39 24.06 -11.94 -5.08
N GLY C 40 24.80 -11.84 -6.17
CA GLY C 40 26.10 -12.46 -6.29
C GLY C 40 26.56 -12.45 -7.73
N ALA C 41 27.81 -12.84 -7.91
CA ALA C 41 28.36 -12.94 -9.25
C ALA C 41 27.68 -14.08 -10.01
N ASP C 42 27.79 -14.03 -11.34
CA ASP C 42 27.18 -15.06 -12.18
C ASP C 42 27.75 -16.43 -11.86
N ASN C 43 29.03 -16.49 -11.49
CA ASN C 43 29.69 -17.74 -11.15
C ASN C 43 29.73 -18.02 -9.65
N SER C 44 29.12 -17.16 -8.83
CA SER C 44 29.25 -17.28 -7.38
C SER C 44 28.18 -18.18 -6.77
N GLY C 45 27.99 -19.35 -7.35
CA GLY C 45 27.20 -20.43 -6.76
C GLY C 45 25.85 -20.07 -6.17
N LYS C 46 25.28 -18.93 -6.54
CA LYS C 46 24.00 -18.53 -5.98
C LYS C 46 22.88 -19.46 -6.41
N SER C 47 22.86 -19.82 -7.70
CA SER C 47 21.87 -20.78 -8.18
C SER C 47 22.05 -22.14 -7.53
N THR C 48 23.31 -22.50 -7.21
CA THR C 48 23.56 -23.75 -6.51
C THR C 48 22.92 -23.74 -5.13
N ILE C 49 23.06 -22.63 -4.39
CA ILE C 49 22.43 -22.53 -3.08
C ILE C 49 20.90 -22.57 -3.23
N VAL C 50 20.38 -21.86 -4.23
CA VAL C 50 18.94 -21.82 -4.44
C VAL C 50 18.40 -23.23 -4.68
N LYS C 51 19.08 -23.99 -5.55
CA LYS C 51 18.64 -25.35 -5.86
C LYS C 51 18.82 -26.27 -4.65
N GLN C 52 19.90 -26.10 -3.90
CA GLN C 52 20.14 -26.94 -2.72
C GLN C 52 19.06 -26.73 -1.67
N MET C 53 18.64 -25.49 -1.46
CA MET C 53 17.60 -25.21 -0.47
C MET C 53 16.24 -25.70 -0.95
N ARG C 54 15.77 -25.18 -2.08
CA ARG C 54 14.44 -25.49 -2.60
C ARG C 54 14.50 -25.46 -4.12
N ILE C 55 13.33 -25.36 -4.75
CA ILE C 55 13.21 -25.27 -6.19
C ILE C 55 12.72 -23.88 -6.57
N TYR C 56 13.44 -23.23 -7.49
CA TYR C 56 13.06 -21.87 -7.88
C TYR C 56 11.94 -21.91 -8.91
N HIS C 57 11.40 -20.73 -9.21
CA HIS C 57 10.34 -20.57 -10.22
C HIS C 57 10.67 -19.32 -11.02
N GLY C 58 11.17 -19.51 -12.24
CA GLY C 58 11.47 -18.38 -13.09
C GLY C 58 10.24 -17.65 -13.55
N GLY C 59 10.38 -16.34 -13.78
CA GLY C 59 9.28 -15.51 -14.24
C GLY C 59 8.53 -14.83 -13.11
N SER C 67 16.25 -15.12 -18.06
CA SER C 67 16.54 -13.77 -17.59
C SER C 67 15.33 -13.14 -16.92
N GLY C 68 15.48 -12.77 -15.65
CA GLY C 68 14.39 -12.16 -14.90
C GLY C 68 14.41 -12.49 -13.43
N ILE C 69 13.22 -12.61 -12.83
CA ILE C 69 13.08 -12.89 -11.41
C ILE C 69 13.08 -14.39 -11.19
N PHE C 70 13.68 -14.82 -10.09
CA PHE C 70 13.67 -16.23 -9.65
C PHE C 70 13.15 -16.24 -8.23
N GLU C 71 11.99 -16.83 -8.03
CA GLU C 71 11.36 -16.87 -6.72
C GLU C 71 11.62 -18.22 -6.06
N THR C 72 11.91 -18.18 -4.76
CA THR C 72 12.16 -19.42 -4.01
C THR C 72 11.60 -19.23 -2.61
N LYS C 73 10.47 -19.84 -2.32
CA LYS C 73 9.84 -19.76 -1.01
C LYS C 73 10.23 -20.97 -0.18
N PHE C 74 10.87 -20.75 0.96
CA PHE C 74 11.28 -21.83 1.84
C PHE C 74 10.89 -21.51 3.27
N GLN C 75 10.49 -22.54 4.01
CA GLN C 75 9.97 -22.39 5.37
C GLN C 75 10.94 -23.02 6.36
N VAL C 76 11.33 -22.24 7.37
CA VAL C 76 12.19 -22.71 8.45
C VAL C 76 11.50 -22.37 9.76
N ASP C 77 11.27 -23.39 10.60
CA ASP C 77 10.68 -23.22 11.92
C ASP C 77 9.37 -22.44 11.86
N LYS C 78 8.52 -22.83 10.91
CA LYS C 78 7.21 -22.24 10.68
C LYS C 78 7.28 -20.76 10.32
N VAL C 79 8.44 -20.29 9.83
CA VAL C 79 8.60 -18.94 9.34
C VAL C 79 8.97 -19.03 7.86
N ASN C 80 8.24 -18.29 7.02
CA ASN C 80 8.44 -18.35 5.58
C ASN C 80 9.40 -17.24 5.15
N PHE C 81 10.40 -17.62 4.37
CA PHE C 81 11.28 -16.68 3.72
C PHE C 81 11.14 -16.84 2.21
N HIS C 82 11.38 -15.74 1.50
CA HIS C 82 11.11 -15.63 0.07
C HIS C 82 12.37 -15.07 -0.58
N MET C 83 13.22 -15.94 -1.12
CA MET C 83 14.43 -15.50 -1.79
C MET C 83 14.17 -15.12 -3.25
N PHE C 84 14.71 -13.97 -3.64
CA PHE C 84 14.52 -13.31 -4.92
C PHE C 84 15.87 -13.19 -5.63
N ASP C 85 16.06 -13.97 -6.69
CA ASP C 85 17.28 -13.90 -7.49
C ASP C 85 17.01 -13.14 -8.77
N VAL C 86 17.67 -12.00 -8.94
CA VAL C 86 17.48 -11.17 -10.12
C VAL C 86 18.60 -11.52 -11.10
N GLY C 87 18.30 -12.40 -12.07
CA GLY C 87 19.28 -12.90 -12.99
C GLY C 87 19.03 -12.37 -14.40
N GLY C 88 20.02 -12.62 -15.27
CA GLY C 88 19.91 -12.23 -16.66
C GLY C 88 19.81 -10.73 -16.87
N GLN C 89 20.45 -9.94 -16.02
CA GLN C 89 20.42 -8.50 -16.12
C GLN C 89 21.83 -7.94 -15.95
N ARG C 90 22.04 -6.75 -16.51
CA ARG C 90 23.33 -6.09 -16.43
C ARG C 90 23.48 -5.41 -15.07
N ASP C 91 24.47 -5.84 -14.30
CA ASP C 91 24.67 -5.33 -12.94
C ASP C 91 25.66 -4.17 -12.91
N GLU C 92 25.41 -3.15 -13.74
CA GLU C 92 26.30 -2.00 -13.76
C GLU C 92 25.86 -0.91 -12.81
N ARG C 93 24.57 -0.82 -12.52
CA ARG C 93 24.07 0.16 -11.55
C ARG C 93 23.07 -0.45 -10.57
N ARG C 94 22.42 -1.54 -10.96
CA ARG C 94 21.37 -2.17 -10.16
C ARG C 94 20.32 -1.14 -9.73
N LYS C 95 19.78 -0.45 -10.72
CA LYS C 95 18.91 0.70 -10.45
C LYS C 95 17.49 0.26 -10.07
N TRP C 96 17.17 -1.01 -10.28
CA TRP C 96 15.96 -1.60 -9.71
C TRP C 96 16.07 -1.86 -8.21
N ILE C 97 17.24 -1.63 -7.61
CA ILE C 97 17.42 -1.91 -6.18
C ILE C 97 16.49 -1.09 -5.30
N GLN C 98 15.96 0.02 -5.83
CA GLN C 98 15.00 0.80 -5.05
C GLN C 98 13.76 -0.02 -4.72
N CYS C 99 13.46 -1.04 -5.52
CA CYS C 99 12.37 -1.94 -5.19
C CYS C 99 12.65 -2.74 -3.92
N PHE C 100 13.92 -3.12 -3.72
CA PHE C 100 14.32 -3.97 -2.60
C PHE C 100 14.86 -3.17 -1.43
N ASN C 101 14.32 -1.97 -1.19
CA ASN C 101 14.79 -1.18 -0.06
C ASN C 101 14.13 -1.57 1.26
N ASP C 102 13.18 -2.52 1.24
CA ASP C 102 12.50 -2.97 2.44
C ASP C 102 12.69 -4.45 2.71
N VAL C 103 13.59 -5.13 1.98
CA VAL C 103 13.81 -6.55 2.22
C VAL C 103 14.43 -6.75 3.61
N THR C 104 14.12 -7.91 4.19
CA THR C 104 14.66 -8.22 5.52
C THR C 104 16.18 -8.33 5.48
N ALA C 105 16.72 -8.97 4.45
CA ALA C 105 18.16 -9.13 4.34
C ALA C 105 18.56 -9.26 2.88
N ILE C 106 19.81 -8.89 2.61
CA ILE C 106 20.42 -9.05 1.30
C ILE C 106 21.43 -10.18 1.41
N ILE C 107 21.15 -11.30 0.77
CA ILE C 107 22.02 -12.48 0.81
C ILE C 107 23.03 -12.32 -0.32
N PHE C 108 24.25 -11.95 0.03
CA PHE C 108 25.32 -11.75 -0.95
C PHE C 108 26.19 -12.99 -0.96
N VAL C 109 26.15 -13.74 -2.05
CA VAL C 109 26.92 -14.97 -2.19
C VAL C 109 28.12 -14.68 -3.08
N VAL C 110 29.32 -14.98 -2.58
CA VAL C 110 30.57 -14.72 -3.28
C VAL C 110 31.37 -16.00 -3.36
N ASP C 111 31.88 -16.31 -4.56
CA ASP C 111 32.74 -17.47 -4.75
C ASP C 111 34.15 -17.11 -4.26
N SER C 112 34.64 -17.83 -3.26
CA SER C 112 35.94 -17.56 -2.67
C SER C 112 37.08 -18.24 -3.40
N SER C 113 36.79 -19.05 -4.42
CA SER C 113 37.82 -19.78 -5.15
C SER C 113 38.15 -19.16 -6.50
N ASP C 114 37.88 -17.86 -6.70
CA ASP C 114 38.19 -17.16 -7.93
C ASP C 114 38.82 -15.82 -7.56
N TYR C 115 40.16 -15.82 -7.43
CA TYR C 115 40.85 -14.57 -7.12
C TYR C 115 40.88 -13.62 -8.30
N ASN C 116 40.71 -14.12 -9.52
CA ASN C 116 40.62 -13.23 -10.68
C ASN C 116 39.41 -12.31 -10.57
N ARG C 117 38.27 -12.86 -10.15
CA ARG C 117 37.05 -12.09 -9.95
C ARG C 117 36.80 -11.74 -8.49
N LEU C 118 37.75 -12.03 -7.60
CA LEU C 118 37.55 -11.69 -6.19
C LEU C 118 37.52 -10.18 -5.98
N GLN C 119 38.39 -9.44 -6.66
CA GLN C 119 38.39 -7.99 -6.54
C GLN C 119 37.11 -7.38 -7.09
N GLU C 120 36.59 -7.92 -8.20
CA GLU C 120 35.31 -7.45 -8.72
C GLU C 120 34.19 -7.72 -7.73
N ALA C 121 34.22 -8.89 -7.09
CA ALA C 121 33.20 -9.19 -6.07
C ALA C 121 33.32 -8.26 -4.88
N LEU C 122 34.55 -7.93 -4.47
CA LEU C 122 34.74 -6.99 -3.38
C LEU C 122 34.21 -5.60 -3.74
N ASN C 123 34.47 -5.16 -4.97
CA ASN C 123 33.94 -3.87 -5.42
C ASN C 123 32.42 -3.88 -5.47
N ASP C 124 31.83 -5.00 -5.92
CA ASP C 124 30.37 -5.12 -5.94
C ASP C 124 29.80 -5.07 -4.53
N PHE C 125 30.47 -5.72 -3.57
CA PHE C 125 30.03 -5.65 -2.19
C PHE C 125 30.17 -4.25 -1.64
N LYS C 126 31.22 -3.53 -2.02
CA LYS C 126 31.36 -2.14 -1.61
C LYS C 126 30.24 -1.28 -2.15
N SER C 127 29.86 -1.50 -3.42
CA SER C 127 28.76 -0.76 -4.01
C SER C 127 27.44 -1.07 -3.33
N ILE C 128 27.21 -2.35 -3.01
CA ILE C 128 25.95 -2.75 -2.38
C ILE C 128 25.86 -2.21 -0.96
N TRP C 129 26.96 -2.31 -0.20
CA TRP C 129 26.97 -1.89 1.19
C TRP C 129 26.76 -0.38 1.30
N ASN C 130 27.51 0.39 0.53
CA ASN C 130 27.42 1.85 0.56
C ASN C 130 26.29 2.40 -0.31
N ASN C 131 25.38 1.55 -0.75
CA ASN C 131 24.27 2.00 -1.58
C ASN C 131 23.35 2.89 -0.75
N ARG C 132 22.80 3.92 -1.39
CA ARG C 132 21.94 4.87 -0.69
C ARG C 132 20.63 4.21 -0.24
N TRP C 133 20.04 3.37 -1.08
CA TRP C 133 18.75 2.78 -0.77
C TRP C 133 18.84 1.58 0.16
N LEU C 134 20.02 1.00 0.32
CA LEU C 134 20.22 -0.13 1.22
C LEU C 134 21.03 0.28 2.44
N ARG C 135 20.75 1.49 2.94
CA ARG C 135 21.47 1.98 4.11
C ARG C 135 21.18 1.15 5.35
N THR C 136 19.92 0.77 5.55
CA THR C 136 19.51 0.06 6.75
C THR C 136 19.26 -1.43 6.51
N ILE C 137 19.61 -1.94 5.33
CA ILE C 137 19.36 -3.34 5.00
C ILE C 137 20.60 -4.15 5.32
N SER C 138 20.48 -5.11 6.24
CA SER C 138 21.59 -5.94 6.62
C SER C 138 21.92 -6.94 5.51
N VAL C 139 23.17 -7.38 5.50
CA VAL C 139 23.69 -8.28 4.46
C VAL C 139 24.15 -9.57 5.12
N ILE C 140 23.70 -10.70 4.58
CA ILE C 140 24.17 -12.01 4.98
C ILE C 140 25.18 -12.47 3.93
N LEU C 141 26.44 -12.61 4.31
CA LEU C 141 27.51 -12.88 3.38
C LEU C 141 27.82 -14.37 3.38
N PHE C 142 27.66 -15.00 2.22
CA PHE C 142 27.91 -16.43 2.05
C PHE C 142 29.14 -16.62 1.19
N LEU C 143 30.24 -17.04 1.81
CA LEU C 143 31.48 -17.33 1.09
C LEU C 143 31.39 -18.75 0.55
N ASN C 144 30.75 -18.86 -0.61
CA ASN C 144 30.43 -20.16 -1.18
C ASN C 144 31.68 -20.82 -1.77
N LYS C 145 31.56 -22.11 -2.09
CA LYS C 145 32.61 -22.90 -2.71
C LYS C 145 33.88 -22.91 -1.86
N GLN C 146 33.71 -23.31 -0.60
CA GLN C 146 34.87 -23.42 0.29
C GLN C 146 35.76 -24.61 -0.09
N ASP C 147 35.16 -25.69 -0.57
CA ASP C 147 35.95 -26.86 -0.95
C ASP C 147 36.88 -26.53 -2.12
N LEU C 148 36.39 -25.77 -3.10
CA LEU C 148 37.24 -25.38 -4.22
C LEU C 148 38.40 -24.51 -3.76
N LEU C 149 38.13 -23.57 -2.85
CA LEU C 149 39.20 -22.74 -2.30
C LEU C 149 40.23 -23.59 -1.57
N ALA C 150 39.77 -24.54 -0.75
CA ALA C 150 40.69 -25.40 -0.03
C ALA C 150 41.55 -26.20 -1.00
N GLU C 151 40.95 -26.76 -2.04
CA GLU C 151 41.71 -27.52 -3.04
C GLU C 151 42.75 -26.63 -3.73
N LYS C 152 42.36 -25.42 -4.12
CA LYS C 152 43.27 -24.54 -4.84
C LYS C 152 44.45 -24.12 -3.97
N VAL C 153 44.20 -23.73 -2.72
CA VAL C 153 45.30 -23.31 -1.86
C VAL C 153 46.12 -24.51 -1.43
N LEU C 154 45.54 -25.71 -1.43
CA LEU C 154 46.32 -26.90 -1.13
C LEU C 154 47.24 -27.27 -2.29
N ALA C 155 46.79 -27.05 -3.53
CA ALA C 155 47.65 -27.31 -4.68
C ALA C 155 48.89 -26.42 -4.66
N GLY C 156 48.71 -25.15 -4.35
CA GLY C 156 49.82 -24.23 -4.20
C GLY C 156 50.30 -23.58 -5.49
N LYS C 157 49.78 -24.00 -6.64
CA LYS C 157 50.19 -23.39 -7.90
C LYS C 157 49.64 -21.99 -8.09
N SER C 158 48.59 -21.62 -7.37
CA SER C 158 48.01 -20.29 -7.41
C SER C 158 48.29 -19.58 -6.10
N LYS C 159 48.91 -18.40 -6.17
CA LYS C 159 49.28 -17.62 -5.01
C LYS C 159 48.37 -16.42 -4.88
N ILE C 160 47.81 -16.23 -3.68
CA ILE C 160 46.99 -15.05 -3.43
C ILE C 160 47.87 -13.81 -3.30
N GLU C 161 49.17 -14.00 -3.06
CA GLU C 161 50.07 -12.87 -2.85
C GLU C 161 50.15 -11.99 -4.10
N ASP C 162 50.27 -12.61 -5.28
CA ASP C 162 50.32 -11.83 -6.52
C ASP C 162 49.00 -11.14 -6.82
N TYR C 163 47.89 -11.65 -6.29
CA TYR C 163 46.60 -10.99 -6.45
C TYR C 163 46.34 -9.98 -5.34
N PHE C 164 46.72 -10.29 -4.10
CA PHE C 164 46.60 -9.37 -2.99
C PHE C 164 47.93 -9.30 -2.24
N PRO C 165 48.65 -8.18 -2.31
CA PRO C 165 49.95 -8.10 -1.63
C PRO C 165 49.88 -7.93 -0.12
N GLU C 166 48.69 -7.80 0.47
CA GLU C 166 48.59 -7.70 1.92
C GLU C 166 48.47 -9.07 2.59
N PHE C 167 48.47 -10.16 1.82
CA PHE C 167 48.39 -11.48 2.43
C PHE C 167 49.67 -11.84 3.18
N ALA C 168 50.81 -11.33 2.71
CA ALA C 168 52.08 -11.66 3.35
C ALA C 168 52.12 -11.16 4.80
N ARG C 169 51.60 -9.96 5.03
CA ARG C 169 51.57 -9.39 6.37
C ARG C 169 50.30 -9.75 7.15
N TYR C 170 49.44 -10.58 6.58
CA TYR C 170 48.21 -11.00 7.24
C TYR C 170 48.43 -12.27 8.03
N THR C 171 47.86 -12.31 9.24
CA THR C 171 47.93 -13.47 10.11
C THR C 171 46.53 -13.95 10.46
N THR C 172 46.43 -15.22 10.84
CA THR C 172 45.14 -15.79 11.22
C THR C 172 44.63 -15.11 12.49
N PRO C 173 43.40 -14.62 12.50
CA PRO C 173 42.88 -13.98 13.72
C PRO C 173 42.71 -14.98 14.85
N GLU C 174 42.87 -14.50 16.08
CA GLU C 174 42.69 -15.35 17.24
C GLU C 174 41.23 -15.70 17.46
N ASP C 175 40.31 -14.87 16.93
CA ASP C 175 38.90 -15.18 17.00
C ASP C 175 38.55 -16.39 16.13
N ALA C 176 39.31 -16.59 15.05
CA ALA C 176 38.95 -17.58 14.03
C ALA C 176 38.79 -18.97 14.64
N THR C 177 37.74 -19.67 14.21
CA THR C 177 37.45 -21.03 14.66
C THR C 177 37.49 -21.92 13.41
N PRO C 178 38.57 -22.67 13.23
CA PRO C 178 38.64 -23.58 12.07
C PRO C 178 38.20 -24.99 12.43
N GLU C 179 37.92 -25.77 11.39
CA GLU C 179 37.63 -27.17 11.57
C GLU C 179 38.91 -27.92 11.98
N PRO C 180 38.80 -28.89 12.89
CA PRO C 180 40.01 -29.58 13.38
C PRO C 180 40.80 -30.28 12.29
N GLY C 181 40.14 -30.81 11.27
CA GLY C 181 40.82 -31.54 10.21
C GLY C 181 41.12 -30.68 9.00
N GLU C 182 41.12 -29.36 9.19
CA GLU C 182 41.29 -28.41 8.10
C GLU C 182 42.67 -27.76 8.17
N ASP C 183 43.28 -27.61 7.00
CA ASP C 183 44.67 -27.14 6.91
C ASP C 183 44.76 -25.69 7.40
N PRO C 184 45.78 -25.35 8.19
CA PRO C 184 45.92 -23.96 8.67
C PRO C 184 46.05 -22.93 7.55
N ARG C 185 46.70 -23.27 6.43
CA ARG C 185 46.75 -22.34 5.31
C ARG C 185 45.37 -22.10 4.74
N VAL C 186 44.52 -23.13 4.73
CA VAL C 186 43.13 -22.94 4.32
C VAL C 186 42.45 -21.95 5.24
N THR C 187 42.69 -22.07 6.55
CA THR C 187 42.11 -21.13 7.51
C THR C 187 42.58 -19.71 7.25
N ARG C 188 43.89 -19.54 7.00
CA ARG C 188 44.41 -18.21 6.76
C ARG C 188 43.79 -17.59 5.51
N ALA C 189 43.67 -18.38 4.44
CA ALA C 189 43.06 -17.86 3.21
C ALA C 189 41.59 -17.49 3.42
N LYS C 190 40.84 -18.40 4.06
CA LYS C 190 39.42 -18.14 4.31
C LYS C 190 39.23 -16.87 5.12
N TYR C 191 39.97 -16.73 6.21
CA TYR C 191 39.78 -15.58 7.07
C TYR C 191 40.37 -14.31 6.48
N PHE C 192 41.37 -14.43 5.60
CA PHE C 192 41.84 -13.26 4.87
C PHE C 192 40.75 -12.72 3.96
N ILE C 193 40.07 -13.62 3.23
CA ILE C 193 38.98 -13.17 2.37
C ILE C 193 37.83 -12.60 3.20
N ARG C 194 37.50 -13.28 4.31
CA ARG C 194 36.41 -12.80 5.15
C ARG C 194 36.74 -11.43 5.74
N ASP C 195 37.99 -11.21 6.13
CA ASP C 195 38.40 -9.91 6.64
C ASP C 195 38.41 -8.86 5.54
N GLU C 196 38.74 -9.26 4.30
CA GLU C 196 38.63 -8.33 3.19
C GLU C 196 37.21 -7.83 3.02
N PHE C 197 36.24 -8.73 3.15
CA PHE C 197 34.84 -8.31 3.07
C PHE C 197 34.43 -7.49 4.29
N LEU C 198 34.84 -7.92 5.48
CA LEU C 198 34.44 -7.24 6.70
C LEU C 198 35.07 -5.86 6.83
N ARG C 199 36.18 -5.61 6.14
CA ARG C 199 36.76 -4.26 6.14
C ARG C 199 35.78 -3.27 5.52
N ILE C 200 35.25 -3.59 4.34
CA ILE C 200 34.24 -2.74 3.73
C ILE C 200 32.96 -2.76 4.56
N SER C 201 32.65 -3.89 5.18
CA SER C 201 31.45 -3.96 6.01
C SER C 201 31.52 -2.98 7.18
N THR C 202 32.69 -2.88 7.82
CA THR C 202 32.86 -2.02 8.99
C THR C 202 33.31 -0.61 8.64
N ALA C 203 33.66 -0.34 7.39
CA ALA C 203 34.07 1.02 7.02
C ALA C 203 32.94 2.03 7.21
N SER C 204 31.71 1.65 6.87
CA SER C 204 30.61 2.61 6.92
C SER C 204 29.42 2.08 7.72
N GLY C 205 29.22 0.77 7.73
CA GLY C 205 28.08 0.19 8.41
C GLY C 205 28.28 -0.01 9.89
N ASP C 206 28.20 1.07 10.67
CA ASP C 206 28.45 0.99 12.10
C ASP C 206 27.23 0.48 12.85
N GLY C 207 26.11 1.20 12.78
CA GLY C 207 24.95 0.84 13.57
C GLY C 207 23.70 0.57 12.77
N ARG C 208 23.58 1.17 11.58
CA ARG C 208 22.35 1.04 10.82
C ARG C 208 22.13 -0.40 10.36
N HIS C 209 23.18 -1.08 9.91
CA HIS C 209 23.03 -2.44 9.42
C HIS C 209 24.33 -3.20 9.64
N TYR C 210 24.24 -4.52 9.54
CA TYR C 210 25.34 -5.42 9.85
C TYR C 210 25.55 -6.40 8.72
N CYS C 211 26.76 -6.93 8.62
CA CYS C 211 27.11 -7.95 7.65
C CYS C 211 27.43 -9.24 8.38
N TYR C 212 26.70 -10.31 8.06
CA TYR C 212 26.90 -11.58 8.72
C TYR C 212 27.67 -12.51 7.78
N PRO C 213 28.93 -12.81 8.07
CA PRO C 213 29.68 -13.72 7.19
C PRO C 213 29.46 -15.18 7.56
N HIS C 214 29.46 -16.02 6.52
CA HIS C 214 29.29 -17.45 6.70
C HIS C 214 30.17 -18.19 5.70
N PHE C 215 30.70 -19.33 6.12
CA PHE C 215 31.48 -20.19 5.26
C PHE C 215 30.64 -21.40 4.86
N THR C 216 30.32 -21.50 3.58
CA THR C 216 29.44 -22.55 3.07
C THR C 216 30.02 -23.12 1.79
N CYS C 217 29.59 -24.33 1.46
CA CYS C 217 30.01 -25.03 0.24
C CYS C 217 28.78 -25.41 -0.57
N ALA C 218 29.03 -26.08 -1.70
CA ALA C 218 27.93 -26.49 -2.57
C ALA C 218 27.09 -27.58 -1.93
N VAL C 219 27.72 -28.46 -1.15
CA VAL C 219 27.03 -29.60 -0.55
C VAL C 219 26.47 -29.22 0.81
N ASP C 220 26.75 -27.99 1.25
CA ASP C 220 26.27 -27.53 2.54
C ASP C 220 24.75 -27.45 2.54
N THR C 221 24.14 -27.95 3.62
CA THR C 221 22.69 -28.06 3.71
C THR C 221 22.08 -27.22 4.82
N GLU C 222 22.87 -26.67 5.73
CA GLU C 222 22.35 -25.87 6.83
C GLU C 222 22.30 -24.38 6.49
N ASN C 223 22.31 -24.03 5.21
CA ASN C 223 22.23 -22.62 4.83
C ASN C 223 20.91 -22.02 5.26
N ALA C 224 19.83 -22.80 5.22
CA ALA C 224 18.53 -22.30 5.66
C ALA C 224 18.55 -21.93 7.14
N ARG C 225 19.20 -22.75 7.96
CA ARG C 225 19.30 -22.43 9.38
C ARG C 225 20.12 -21.17 9.62
N ARG C 226 21.22 -21.01 8.89
CA ARG C 226 22.02 -19.79 9.02
C ARG C 226 21.21 -18.56 8.62
N ILE C 227 20.46 -18.66 7.52
CA ILE C 227 19.63 -17.55 7.09
C ILE C 227 18.56 -17.23 8.13
N PHE C 228 17.95 -18.26 8.71
CA PHE C 228 16.93 -18.04 9.72
C PHE C 228 17.51 -17.36 10.96
N ASN C 229 18.67 -17.82 11.42
CA ASN C 229 19.29 -17.21 12.59
C ASN C 229 19.69 -15.77 12.33
N ASP C 230 20.26 -15.50 11.16
CA ASP C 230 20.66 -14.13 10.83
C ASP C 230 19.44 -13.22 10.71
N CYS C 231 18.35 -13.73 10.13
CA CYS C 231 17.12 -12.94 10.06
C CYS C 231 16.54 -12.71 11.44
N ARG C 232 16.64 -13.70 12.33
CA ARG C 232 16.20 -13.50 13.70
C ARG C 232 16.98 -12.38 14.37
N ASP C 233 18.31 -12.36 14.19
CA ASP C 233 19.12 -11.29 14.76
C ASP C 233 18.77 -9.93 14.14
N ILE C 234 18.55 -9.90 12.82
CA ILE C 234 18.22 -8.65 12.15
C ILE C 234 16.90 -8.09 12.67
N ILE C 235 15.87 -8.95 12.77
CA ILE C 235 14.58 -8.50 13.26
C ILE C 235 14.66 -8.14 14.73
N GLN C 236 15.49 -8.84 15.50
CA GLN C 236 15.67 -8.49 16.91
C GLN C 236 16.23 -7.09 17.06
N ARG C 237 17.27 -6.76 16.28
CA ARG C 237 17.81 -5.41 16.33
C ARG C 237 16.80 -4.39 15.81
N MET C 238 16.04 -4.75 14.78
CA MET C 238 15.01 -3.84 14.25
C MET C 238 13.96 -3.53 15.30
N HIS C 239 13.55 -4.54 16.07
CA HIS C 239 12.58 -4.31 17.14
C HIS C 239 13.21 -3.56 18.31
N LEU C 240 14.49 -3.78 18.58
CA LEU C 240 15.17 -3.00 19.60
C LEU C 240 15.15 -1.52 19.26
N ARG C 241 15.41 -1.20 17.99
CA ARG C 241 15.34 0.20 17.56
C ARG C 241 13.91 0.71 17.54
N GLN C 242 12.97 -0.13 17.11
CA GLN C 242 11.59 0.31 16.93
C GLN C 242 10.88 0.47 18.26
N TYR C 243 11.09 -0.46 19.19
CA TYR C 243 10.39 -0.45 20.47
C TYR C 243 11.11 0.40 21.51
N GLU C 244 11.91 1.37 21.08
CA GLU C 244 12.48 2.40 21.93
C GLU C 244 13.45 1.83 22.96
N LEU C 245 13.98 0.64 22.72
CA LEU C 245 15.02 0.07 23.58
C LEU C 245 16.42 0.46 23.14
N LEU C 246 16.57 1.12 21.99
CA LEU C 246 17.87 1.49 21.48
C LEU C 246 17.91 2.95 21.02
N CYS D 146 -10.95 7.35 64.84
CA CYS D 146 -10.19 7.41 66.08
C CYS D 146 -9.40 8.71 66.17
N ASN D 147 -8.17 8.61 66.66
CA ASN D 147 -7.29 9.77 66.80
C ASN D 147 -6.54 9.98 65.48
N VAL D 148 -7.27 10.53 64.51
CA VAL D 148 -6.73 10.71 63.16
C VAL D 148 -6.00 12.05 63.07
N ASP D 149 -4.69 11.99 62.82
CA ASP D 149 -3.84 13.17 62.74
C ASP D 149 -2.98 13.09 61.47
N SER D 150 -3.41 13.79 60.42
CA SER D 150 -2.47 14.10 59.35
C SER D 150 -2.82 15.45 58.71
N ASN D 151 -2.29 16.53 59.27
CA ASN D 151 -2.39 17.84 58.64
C ASN D 151 -1.08 18.60 58.79
N ILE D 152 -0.27 18.21 59.79
CA ILE D 152 0.92 18.99 60.13
C ILE D 152 2.10 18.58 59.28
N ASP D 153 2.45 17.29 59.30
CA ASP D 153 3.57 16.82 58.48
C ASP D 153 3.25 16.95 57.01
N GLN D 154 2.00 16.69 56.61
CA GLN D 154 1.61 16.86 55.22
C GLN D 154 1.57 18.33 54.82
N PHE D 155 1.58 19.24 55.81
CA PHE D 155 1.63 20.66 55.49
C PHE D 155 3.02 21.05 54.99
N PHE D 156 3.98 20.14 55.04
CA PHE D 156 5.32 20.43 54.53
C PHE D 156 5.48 20.09 53.05
N GLN D 157 4.52 19.39 52.43
CA GLN D 157 4.53 19.19 50.98
C GLN D 157 3.16 19.47 50.35
N PRO D 158 2.67 20.73 50.40
CA PRO D 158 1.65 21.12 49.42
C PRO D 158 2.27 21.37 48.07
N THR D 159 3.56 21.73 48.10
CA THR D 159 4.28 22.19 46.91
C THR D 159 4.80 21.05 46.04
N LEU D 160 4.96 19.85 46.61
CA LEU D 160 5.39 18.72 45.80
C LEU D 160 4.34 18.37 44.76
N TYR D 161 3.07 18.44 45.13
CA TYR D 161 2.00 18.18 44.18
C TYR D 161 1.95 19.24 43.09
N ILE D 162 2.15 20.51 43.46
CA ILE D 162 2.08 21.59 42.45
C ILE D 162 3.25 21.46 41.47
N ILE D 163 4.46 21.20 41.98
CA ILE D 163 5.61 21.07 41.10
C ILE D 163 5.48 19.80 40.25
N VAL D 164 4.85 18.77 40.80
CA VAL D 164 4.56 17.57 40.01
C VAL D 164 3.61 17.90 38.87
N ILE D 165 2.58 18.70 39.15
CA ILE D 165 1.68 19.15 38.09
C ILE D 165 2.46 19.93 37.02
N VAL D 166 3.31 20.85 37.48
CA VAL D 166 4.04 21.73 36.56
C VAL D 166 4.97 20.93 35.66
N LEU D 167 5.68 19.94 36.20
CA LEU D 167 6.59 19.14 35.40
C LEU D 167 5.92 17.94 34.74
N GLY D 168 4.65 17.67 35.05
CA GLY D 168 3.99 16.51 34.48
C GLY D 168 3.02 16.82 33.36
N PHE D 169 2.19 17.86 33.53
CA PHE D 169 1.21 18.19 32.51
C PHE D 169 1.83 18.43 31.14
N PRO D 170 2.84 19.31 30.99
CA PRO D 170 3.42 19.51 29.65
C PRO D 170 4.19 18.30 29.18
N THR D 171 5.00 17.70 30.07
CA THR D 171 5.81 16.56 29.69
C THR D 171 4.93 15.39 29.26
N ASN D 172 3.85 15.14 30.01
CA ASN D 172 2.95 14.06 29.63
C ASN D 172 2.16 14.40 28.37
N CYS D 173 1.89 15.68 28.14
CA CYS D 173 1.26 16.07 26.88
C CYS D 173 2.16 15.76 25.69
N MET D 174 3.45 16.11 25.79
CA MET D 174 4.38 15.79 24.72
C MET D 174 4.55 14.29 24.57
N ALA D 175 4.56 13.55 25.68
CA ALA D 175 4.65 12.10 25.61
C ALA D 175 3.43 11.52 24.90
N LEU D 176 2.24 12.05 25.18
CA LEU D 176 1.04 11.61 24.50
C LEU D 176 1.12 11.89 23.01
N TRP D 177 1.61 13.06 22.63
CA TRP D 177 1.75 13.39 21.21
C TRP D 177 2.73 12.44 20.52
N ALA D 178 3.86 12.18 21.17
CA ALA D 178 4.85 11.27 20.60
C ALA D 178 4.29 9.86 20.48
N ALA D 179 3.52 9.42 21.48
CA ALA D 179 2.90 8.10 21.42
C ALA D 179 1.90 8.03 20.27
N TYR D 180 1.13 9.10 20.07
CA TYR D 180 0.20 9.12 18.94
C TYR D 180 0.95 9.01 17.62
N MET D 181 2.06 9.75 17.51
CA MET D 181 2.90 9.62 16.33
C MET D 181 3.35 8.17 16.12
N GLN D 182 3.87 7.54 17.18
CA GLN D 182 4.31 6.16 17.08
C GLN D 182 3.16 5.24 16.66
N VAL D 183 1.93 5.58 17.08
CA VAL D 183 0.77 4.86 16.58
C VAL D 183 0.63 5.06 15.07
N LYS D 184 0.93 6.26 14.57
CA LYS D 184 0.77 6.49 13.14
C LYS D 184 1.75 5.67 12.31
N GLN D 185 2.95 5.41 12.82
CA GLN D 185 3.86 4.51 12.11
C GLN D 185 3.56 3.03 12.35
N LYS D 186 2.34 2.71 12.77
CA LYS D 186 1.89 1.33 12.97
C LYS D 186 2.67 0.60 14.05
N ASN D 187 3.28 1.34 14.98
CA ASN D 187 3.96 0.75 16.12
C ASN D 187 2.95 0.57 17.24
N GLU D 188 2.56 -0.68 17.50
CA GLU D 188 1.54 -0.96 18.50
C GLU D 188 1.99 -0.63 19.91
N LEU D 189 3.30 -0.47 20.14
CA LEU D 189 3.76 -0.04 21.46
C LEU D 189 3.30 1.39 21.76
N GLY D 190 3.16 2.22 20.73
CA GLY D 190 2.68 3.58 20.95
C GLY D 190 1.28 3.64 21.53
N ILE D 191 0.47 2.61 21.28
CA ILE D 191 -0.86 2.54 21.86
C ILE D 191 -0.76 2.46 23.38
N TYR D 192 0.13 1.59 23.88
CA TYR D 192 0.34 1.51 25.33
C TYR D 192 0.93 2.80 25.87
N LEU D 193 1.89 3.40 25.15
CA LEU D 193 2.42 4.69 25.54
C LEU D 193 1.36 5.78 25.45
N MET D 194 0.39 5.61 24.56
CA MET D 194 -0.71 6.58 24.47
C MET D 194 -1.55 6.56 25.73
N ASN D 195 -1.94 5.36 26.18
CA ASN D 195 -2.78 5.25 27.36
C ASN D 195 -2.01 5.47 28.65
N LEU D 196 -0.73 5.11 28.69
CA LEU D 196 0.07 5.37 29.88
C LEU D 196 0.17 6.87 30.14
N SER D 197 0.40 7.66 29.09
CA SER D 197 0.40 9.11 29.25
C SER D 197 -0.99 9.62 29.64
N ILE D 198 -2.03 9.03 29.06
CA ILE D 198 -3.41 9.40 29.41
C ILE D 198 -3.67 9.07 30.88
N ALA D 199 -3.24 7.89 31.31
CA ALA D 199 -3.41 7.52 32.71
C ALA D 199 -2.68 8.47 33.64
N ASP D 200 -1.44 8.83 33.29
CA ASP D 200 -0.73 9.85 34.06
C ASP D 200 -1.40 11.21 33.95
N LEU D 201 -1.88 11.55 32.75
CA LEU D 201 -2.52 12.84 32.54
C LEU D 201 -3.77 12.98 33.39
N LEU D 202 -4.60 11.92 33.43
CA LEU D 202 -5.79 11.95 34.26
C LEU D 202 -5.43 12.10 35.73
N TYR D 203 -4.36 11.43 36.16
CA TYR D 203 -3.90 11.57 37.53
C TYR D 203 -3.43 13.01 37.78
N ILE D 204 -2.78 13.61 36.78
CA ILE D 204 -2.31 14.98 36.93
C ILE D 204 -3.49 15.95 36.98
N THR D 205 -4.48 15.75 36.11
CA THR D 205 -5.70 16.56 36.17
C THR D 205 -6.47 16.28 37.46
N THR D 206 -6.35 15.06 37.97
CA THR D 206 -6.91 14.74 39.28
C THR D 206 -6.24 15.55 40.38
N LEU D 207 -4.94 15.81 40.24
CA LEU D 207 -4.12 16.33 41.34
C LEU D 207 -4.60 17.65 41.93
N PRO D 208 -5.00 18.68 41.16
CA PRO D 208 -5.44 19.94 41.78
C PRO D 208 -6.59 19.76 42.75
N LEU D 209 -7.49 18.83 42.46
CA LEU D 209 -8.66 18.60 43.31
C LEU D 209 -8.22 18.21 44.72
N TRP D 210 -7.18 17.39 44.82
CA TRP D 210 -6.68 16.99 46.13
C TRP D 210 -6.04 18.18 46.87
N ILE D 211 -5.31 19.02 46.15
CA ILE D 211 -4.55 20.09 46.79
C ILE D 211 -5.49 21.10 47.46
N ASP D 212 -6.48 21.59 46.71
CA ASP D 212 -7.36 22.62 47.25
C ASP D 212 -8.26 22.06 48.34
N TYR D 213 -8.74 20.82 48.17
CA TYR D 213 -9.59 20.22 49.18
C TYR D 213 -8.81 19.89 50.44
N PHE D 214 -7.53 19.57 50.31
CA PHE D 214 -6.69 19.36 51.48
C PHE D 214 -6.57 20.66 52.29
N VAL D 215 -6.42 21.78 51.59
CA VAL D 215 -6.37 23.07 52.27
C VAL D 215 -7.70 23.37 52.96
N HIS D 216 -8.81 23.10 52.25
CA HIS D 216 -10.13 23.29 52.85
C HIS D 216 -10.33 22.35 54.03
N HIS D 217 -9.92 21.10 53.88
CA HIS D 217 -10.11 20.10 54.92
C HIS D 217 -8.80 19.40 55.28
N VAL D 225 -19.96 14.00 45.74
CA VAL D 225 -19.25 13.82 44.50
C VAL D 225 -17.73 13.90 44.73
N SER D 226 -17.23 13.12 45.67
CA SER D 226 -15.80 13.07 45.92
C SER D 226 -15.25 11.66 45.68
N CYS D 227 -15.89 10.66 46.30
CA CYS D 227 -15.42 9.28 46.16
C CYS D 227 -15.62 8.78 44.73
N LYS D 228 -16.81 8.97 44.17
CA LYS D 228 -17.06 8.62 42.78
C LYS D 228 -16.31 9.53 41.82
N LEU D 229 -15.90 10.71 42.28
CA LEU D 229 -15.01 11.59 41.55
C LEU D 229 -13.59 11.12 41.86
N PHE D 230 -12.59 12.00 41.69
CA PHE D 230 -11.18 11.63 41.73
C PHE D 230 -10.83 10.53 42.72
N GLY D 231 -11.50 10.49 43.87
CA GLY D 231 -11.24 9.42 44.84
C GLY D 231 -11.31 8.04 44.22
N PHE D 232 -12.22 7.84 43.27
CA PHE D 232 -12.21 6.64 42.44
C PHE D 232 -11.11 6.66 41.39
N ILE D 233 -10.84 7.83 40.82
CA ILE D 233 -9.85 7.98 39.77
C ILE D 233 -8.46 7.84 40.38
N PHE D 234 -8.37 8.06 41.69
CA PHE D 234 -7.12 7.98 42.42
C PHE D 234 -6.52 6.57 42.37
N TYR D 235 -7.32 5.57 42.74
CA TYR D 235 -6.81 4.20 42.79
C TYR D 235 -6.53 3.66 41.39
N THR D 236 -7.41 3.95 40.43
CA THR D 236 -7.27 3.37 39.11
C THR D 236 -6.02 3.89 38.39
N ASN D 237 -5.85 5.22 38.35
CA ASN D 237 -4.71 5.78 37.62
C ASN D 237 -3.38 5.39 38.24
N ILE D 238 -3.36 5.10 39.54
CA ILE D 238 -2.15 4.58 40.16
C ILE D 238 -1.86 3.16 39.64
N TYR D 239 -2.91 2.38 39.43
CA TYR D 239 -2.73 0.99 39.00
C TYR D 239 -2.92 0.80 37.49
N VAL D 240 -3.67 1.69 36.83
CA VAL D 240 -3.73 1.64 35.38
C VAL D 240 -2.38 1.99 34.77
N SER D 241 -1.68 2.95 35.39
CA SER D 241 -0.33 3.28 34.92
C SER D 241 0.59 2.07 35.01
N ILE D 242 0.61 1.40 36.16
CA ILE D 242 1.46 0.22 36.32
C ILE D 242 1.02 -0.89 35.36
N ALA D 243 -0.29 -1.08 35.22
CA ALA D 243 -0.79 -2.11 34.31
C ALA D 243 -0.37 -1.81 32.87
N PHE D 244 -0.42 -0.54 32.48
CA PHE D 244 0.06 -0.14 31.15
C PHE D 244 1.58 -0.05 31.08
N LEU D 245 2.26 -0.25 32.20
CA LEU D 245 3.71 -0.42 32.20
C LEU D 245 4.12 -1.87 32.04
N CYS D 246 3.31 -2.82 32.50
CA CYS D 246 3.60 -4.24 32.26
C CYS D 246 3.28 -4.64 30.82
N CYS D 247 2.24 -4.04 30.22
CA CYS D 247 1.95 -4.30 28.82
C CYS D 247 3.10 -3.83 27.92
N ILE D 248 3.69 -2.68 28.23
CA ILE D 248 4.89 -2.25 27.54
C ILE D 248 6.02 -3.24 27.77
N SER D 249 6.17 -3.71 29.00
CA SER D 249 7.23 -4.65 29.33
C SER D 249 7.05 -5.97 28.59
N VAL D 250 5.81 -6.47 28.52
CA VAL D 250 5.56 -7.74 27.83
C VAL D 250 5.72 -7.56 26.32
N ASP D 251 5.18 -6.47 25.78
CA ASP D 251 5.27 -6.24 24.34
C ASP D 251 6.71 -6.11 23.88
N ARG D 252 7.55 -5.42 24.66
CA ARG D 252 8.96 -5.35 24.33
C ARG D 252 9.62 -6.72 24.41
N TYR D 253 9.23 -7.52 25.41
CA TYR D 253 9.80 -8.87 25.54
C TYR D 253 9.44 -9.73 24.34
N LEU D 254 8.17 -9.71 23.93
CA LEU D 254 7.75 -10.51 22.79
C LEU D 254 8.41 -10.05 21.50
N ALA D 255 8.60 -8.74 21.35
CA ALA D 255 9.21 -8.20 20.13
C ALA D 255 10.71 -8.47 20.07
N VAL D 256 11.35 -8.68 21.21
CA VAL D 256 12.80 -8.87 21.27
C VAL D 256 13.17 -10.33 21.47
N ALA D 257 12.59 -10.99 22.48
CA ALA D 257 12.96 -12.37 22.76
C ALA D 257 12.45 -13.31 21.69
N HIS D 258 11.26 -13.05 21.14
CA HIS D 258 10.66 -13.88 20.11
C HIS D 258 10.23 -13.00 18.95
N PRO D 259 11.17 -12.46 18.18
CA PRO D 259 10.83 -11.50 17.13
C PRO D 259 10.21 -12.12 15.88
N LEU D 260 10.16 -13.45 15.78
CA LEU D 260 9.72 -14.11 14.56
C LEU D 260 8.52 -15.02 14.76
N LYS D 261 7.92 -15.05 15.95
CA LYS D 261 6.85 -16.02 16.19
C LYS D 261 5.67 -15.44 16.96
N PHE D 262 5.55 -14.11 17.05
CA PHE D 262 4.42 -13.50 17.76
C PHE D 262 3.88 -12.29 17.03
N ALA D 263 3.90 -12.30 15.69
CA ALA D 263 3.45 -11.15 14.93
C ALA D 263 1.97 -10.87 15.14
N LYS D 264 1.18 -11.90 15.42
CA LYS D 264 -0.26 -11.71 15.62
C LYS D 264 -0.54 -10.88 16.87
N VAL D 265 0.22 -11.11 17.94
CA VAL D 265 0.01 -10.35 19.17
C VAL D 265 0.46 -8.91 19.00
N ARG D 266 1.59 -8.70 18.32
CA ARG D 266 2.14 -7.36 18.13
C ARG D 266 1.41 -6.65 16.99
N ARG D 267 0.13 -6.36 17.24
CA ARG D 267 -0.72 -5.69 16.27
C ARG D 267 -1.44 -4.53 16.93
N VAL D 268 -1.71 -3.50 16.13
CA VAL D 268 -2.41 -2.33 16.66
C VAL D 268 -3.81 -2.70 17.12
N LYS D 269 -4.48 -3.57 16.36
CA LYS D 269 -5.81 -4.04 16.76
C LYS D 269 -5.73 -4.80 18.07
N THR D 270 -4.75 -5.69 18.21
CA THR D 270 -4.58 -6.42 19.47
C THR D 270 -4.15 -5.49 20.59
N ALA D 271 -3.34 -4.48 20.28
CA ALA D 271 -2.92 -3.53 21.31
C ALA D 271 -4.12 -2.82 21.92
N LEU D 272 -5.07 -2.40 21.09
CA LEU D 272 -6.29 -1.77 21.61
C LEU D 272 -7.13 -2.76 22.39
N LEU D 273 -7.18 -4.03 21.95
CA LEU D 273 -7.98 -5.03 22.64
C LEU D 273 -7.44 -5.30 24.04
N VAL D 274 -6.12 -5.42 24.18
CA VAL D 274 -5.55 -5.66 25.50
C VAL D 274 -5.50 -4.37 26.30
N SER D 275 -5.51 -3.23 25.63
CA SER D 275 -5.59 -1.95 26.35
C SER D 275 -7.01 -1.70 26.87
N ALA D 276 -8.01 -2.13 26.11
CA ALA D 276 -9.39 -1.97 26.55
C ALA D 276 -9.65 -2.74 27.83
N ILE D 277 -9.13 -3.97 27.92
CA ILE D 277 -9.29 -4.76 29.14
C ILE D 277 -8.62 -4.07 30.32
N VAL D 278 -7.40 -3.57 30.11
CA VAL D 278 -6.64 -2.96 31.21
C VAL D 278 -7.42 -1.80 31.81
N TRP D 279 -7.98 -0.94 30.95
CA TRP D 279 -8.84 0.13 31.44
C TRP D 279 -10.11 -0.44 32.06
N LEU D 280 -10.66 -1.50 31.46
CA LEU D 280 -11.94 -2.02 31.93
C LEU D 280 -11.81 -2.75 33.25
N THR D 281 -10.81 -3.64 33.38
CA THR D 281 -10.73 -4.47 34.58
C THR D 281 -10.36 -3.62 35.79
N GLU D 282 -9.48 -2.64 35.62
CA GLU D 282 -9.09 -1.77 36.73
C GLU D 282 -10.25 -0.90 37.17
N ILE D 283 -11.02 -0.38 36.21
CA ILE D 283 -12.21 0.38 36.55
C ILE D 283 -13.21 -0.49 37.30
N VAL D 284 -13.40 -1.73 36.82
CA VAL D 284 -14.35 -2.64 37.46
C VAL D 284 -13.84 -3.05 38.83
N ALA D 285 -12.56 -3.39 38.93
CA ALA D 285 -12.02 -3.94 40.17
C ALA D 285 -12.07 -2.90 41.29
N ASN D 286 -11.59 -1.69 41.02
CA ASN D 286 -11.59 -0.64 42.04
C ASN D 286 -12.92 0.09 42.15
N SER D 287 -13.96 -0.36 41.44
CA SER D 287 -15.29 0.19 41.62
C SER D 287 -15.99 -0.38 42.85
N ALA D 288 -15.40 -1.38 43.50
CA ALA D 288 -16.00 -1.94 44.72
C ALA D 288 -16.17 -0.90 45.81
N PRO D 289 -15.20 -0.01 46.09
CA PRO D 289 -15.47 1.05 47.08
C PRO D 289 -16.67 1.92 46.71
N LEU D 290 -16.92 2.12 45.42
CA LEU D 290 -18.05 2.95 45.02
C LEU D 290 -19.39 2.27 45.31
N PHE D 291 -19.54 1.01 44.89
CA PHE D 291 -20.82 0.32 44.99
C PHE D 291 -20.68 -0.84 45.94
N HIS D 292 -19.73 -1.74 45.73
CA HIS D 292 -19.65 -2.97 46.52
C HIS D 292 -19.02 -2.73 47.89
N CYS D 305 -14.71 12.95 51.50
CA CYS D 305 -14.50 11.51 51.61
C CYS D 305 -13.18 11.09 50.97
N PHE D 306 -12.17 11.96 51.08
CA PHE D 306 -10.85 11.65 50.57
C PHE D 306 -10.31 10.39 51.23
N GLU D 307 -9.50 9.64 50.48
CA GLU D 307 -9.03 8.32 50.91
C GLU D 307 -8.40 8.39 52.29
N LYS D 308 -9.03 7.72 53.25
CA LYS D 308 -8.53 7.69 54.61
C LYS D 308 -8.45 6.27 55.16
N TYR D 309 -9.33 5.38 54.67
CA TYR D 309 -9.38 3.99 55.11
C TYR D 309 -9.50 3.95 56.63
N PRO D 310 -10.67 4.25 57.20
CA PRO D 310 -10.75 4.27 58.67
C PRO D 310 -10.35 2.94 59.31
N MET D 311 -11.09 1.85 59.08
CA MET D 311 -10.51 0.55 59.34
C MET D 311 -11.17 -0.49 58.41
N GLU D 312 -12.12 -0.05 57.58
CA GLU D 312 -13.14 -0.91 56.98
C GLU D 312 -12.60 -2.21 56.41
N PRO D 313 -13.06 -3.36 56.93
CA PRO D 313 -12.48 -4.65 56.54
C PRO D 313 -12.60 -4.99 55.06
N TRP D 314 -13.71 -4.63 54.41
CA TRP D 314 -13.85 -4.93 52.99
C TRP D 314 -12.79 -4.22 52.17
N VAL D 315 -12.55 -2.94 52.46
CA VAL D 315 -11.48 -2.24 51.76
C VAL D 315 -10.12 -2.70 52.26
N ALA D 316 -10.07 -3.41 53.39
CA ALA D 316 -8.82 -4.03 53.80
C ALA D 316 -8.49 -5.23 52.92
N GLY D 317 -9.49 -6.06 52.63
CA GLY D 317 -9.29 -7.11 51.64
C GLY D 317 -8.99 -6.56 50.27
N MET D 318 -9.67 -5.48 49.89
CA MET D 318 -9.34 -4.78 48.66
C MET D 318 -7.90 -4.25 48.70
N ASN D 319 -7.43 -3.85 49.88
CA ASN D 319 -6.06 -3.39 50.04
C ASN D 319 -5.08 -4.53 49.77
N LEU D 320 -5.37 -5.71 50.33
CA LEU D 320 -4.51 -6.86 50.07
C LEU D 320 -4.48 -7.20 48.59
N TYR D 321 -5.65 -7.21 47.94
CA TYR D 321 -5.70 -7.50 46.52
C TYR D 321 -4.94 -6.45 45.71
N ARG D 322 -5.13 -5.18 46.03
CA ARG D 322 -4.55 -4.09 45.28
C ARG D 322 -3.05 -3.92 45.54
N THR D 323 -2.54 -4.51 46.63
CA THR D 323 -1.11 -4.50 46.88
C THR D 323 -0.43 -5.76 46.38
N PHE D 324 -1.17 -6.85 46.16
CA PHE D 324 -0.57 -8.04 45.56
C PHE D 324 -0.74 -8.05 44.04
N LEU D 325 -1.97 -8.15 43.54
CA LEU D 325 -2.20 -8.22 42.10
C LEU D 325 -2.17 -6.85 41.45
N GLY D 326 -2.08 -5.78 42.25
CA GLY D 326 -1.97 -4.44 41.70
C GLY D 326 -0.54 -4.04 41.42
N PHE D 327 0.39 -4.49 42.27
CA PHE D 327 1.79 -4.13 42.12
C PHE D 327 2.70 -5.33 41.88
N LEU D 328 2.66 -6.35 42.75
CA LEU D 328 3.66 -7.41 42.68
C LEU D 328 3.56 -8.18 41.37
N ALA D 329 2.34 -8.54 40.96
CA ALA D 329 2.18 -9.22 39.68
C ALA D 329 2.58 -8.33 38.50
N PRO D 330 2.09 -7.09 38.37
CA PRO D 330 2.56 -6.27 37.24
C PRO D 330 4.04 -5.95 37.30
N TRP D 331 4.57 -5.55 38.46
CA TRP D 331 6.00 -5.27 38.55
C TRP D 331 6.82 -6.54 38.45
N GLY D 332 6.29 -7.67 38.93
CA GLY D 332 6.99 -8.92 38.76
C GLY D 332 7.14 -9.29 37.30
N ILE D 333 6.06 -9.15 36.53
CA ILE D 333 6.14 -9.38 35.09
C ILE D 333 7.05 -8.36 34.44
N MET D 334 7.05 -7.12 34.93
CA MET D 334 8.00 -6.13 34.44
C MET D 334 9.44 -6.61 34.57
N LEU D 335 9.80 -7.04 35.79
CA LEU D 335 11.17 -7.48 36.04
C LEU D 335 11.52 -8.72 35.21
N ALA D 336 10.60 -9.68 35.14
CA ALA D 336 10.86 -10.89 34.38
C ALA D 336 11.04 -10.58 32.90
N ALA D 337 10.16 -9.74 32.34
CA ALA D 337 10.23 -9.42 30.92
C ALA D 337 11.49 -8.63 30.60
N TYR D 338 11.87 -7.68 31.47
CA TYR D 338 13.08 -6.91 31.19
C TYR D 338 14.34 -7.74 31.36
N ARG D 339 14.36 -8.67 32.32
CA ARG D 339 15.49 -9.61 32.39
C ARG D 339 15.55 -10.49 31.15
N GLY D 340 14.41 -10.93 30.64
CA GLY D 340 14.40 -11.68 29.40
C GLY D 340 14.89 -10.86 28.22
N ILE D 341 14.52 -9.58 28.17
CA ILE D 341 15.00 -8.70 27.13
C ILE D 341 16.51 -8.57 27.21
N LEU D 342 17.05 -8.38 28.42
CA LEU D 342 18.50 -8.29 28.57
C LEU D 342 19.19 -9.57 28.13
N ARG D 343 18.63 -10.72 28.50
CA ARG D 343 19.21 -12.00 28.11
C ARG D 343 19.20 -12.18 26.60
N ALA D 344 18.10 -11.82 25.95
CA ALA D 344 18.02 -11.96 24.50
C ALA D 344 18.95 -10.97 23.80
N VAL D 345 19.11 -9.78 24.37
CA VAL D 345 20.00 -8.78 23.79
C VAL D 345 21.45 -9.23 23.90
N ARG D 346 21.79 -9.89 25.01
CA ARG D 346 23.15 -10.38 25.18
C ARG D 346 23.53 -11.33 24.04
N GLY D 347 22.59 -12.17 23.60
CA GLY D 347 22.84 -13.07 22.51
C GLY D 347 22.55 -12.47 21.14
N ASN D 348 22.80 -11.17 20.99
CA ASN D 348 22.62 -10.48 19.72
C ASN D 348 24.00 -10.10 19.18
N VAL D 349 24.33 -10.60 17.99
CA VAL D 349 25.63 -10.33 17.41
C VAL D 349 25.74 -8.87 16.97
N SER D 350 24.66 -8.33 16.39
CA SER D 350 24.73 -7.02 15.77
C SER D 350 25.03 -5.91 16.79
N THR D 351 24.42 -5.97 17.97
CA THR D 351 24.59 -4.91 18.94
C THR D 351 26.00 -4.91 19.51
N GLU D 352 26.58 -3.72 19.66
CA GLU D 352 27.89 -3.58 20.26
C GLU D 352 27.78 -3.62 21.79
N ARG D 353 28.92 -3.61 22.46
CA ARG D 353 28.92 -3.68 23.92
C ARG D 353 28.27 -2.44 24.52
N GLN D 354 28.53 -1.26 23.94
CA GLN D 354 27.96 -0.03 24.48
C GLN D 354 26.44 -0.05 24.41
N GLU D 355 25.88 -0.50 23.29
CA GLU D 355 24.43 -0.53 23.14
C GLU D 355 23.79 -1.53 24.10
N LYS D 356 24.41 -2.71 24.28
CA LYS D 356 23.89 -3.67 25.23
C LYS D 356 23.96 -3.12 26.66
N ALA D 357 25.05 -2.43 27.01
CA ALA D 357 25.14 -1.82 28.33
C ALA D 357 24.07 -0.75 28.51
N LYS D 358 23.79 0.03 27.46
CA LYS D 358 22.75 1.05 27.55
C LYS D 358 21.39 0.43 27.73
N ILE D 359 21.11 -0.69 27.04
CA ILE D 359 19.85 -1.39 27.24
C ILE D 359 19.73 -1.90 28.67
N LYS D 360 20.83 -2.43 29.21
CA LYS D 360 20.83 -2.88 30.61
C LYS D 360 20.54 -1.72 31.56
N ARG D 361 21.18 -0.57 31.31
CA ARG D 361 20.94 0.60 32.16
C ARG D 361 19.49 1.06 32.07
N LEU D 362 18.92 1.04 30.87
CA LEU D 362 17.53 1.46 30.70
C LEU D 362 16.58 0.52 31.45
N ALA D 363 16.81 -0.79 31.32
CA ALA D 363 15.96 -1.75 32.04
C ALA D 363 16.09 -1.57 33.54
N LEU D 364 17.32 -1.38 34.05
CA LEU D 364 17.51 -1.15 35.46
C LEU D 364 16.83 0.12 35.92
N SER D 365 16.93 1.20 35.13
CA SER D 365 16.30 2.45 35.50
C SER D 365 14.78 2.29 35.59
N LEU D 366 14.17 1.67 34.59
CA LEU D 366 12.72 1.47 34.61
C LEU D 366 12.31 0.64 35.82
N ILE D 367 12.94 -0.52 36.01
CA ILE D 367 12.56 -1.42 37.07
C ILE D 367 12.73 -0.76 38.43
N LEU D 368 13.86 -0.09 38.65
CA LEU D 368 14.15 0.46 39.96
C LEU D 368 13.32 1.71 40.24
N ILE D 369 13.01 2.51 39.21
CA ILE D 369 12.18 3.68 39.42
C ILE D 369 10.76 3.27 39.76
N VAL D 370 10.25 2.22 39.11
CA VAL D 370 8.93 1.72 39.49
C VAL D 370 8.94 1.24 40.94
N LEU D 371 9.98 0.50 41.33
CA LEU D 371 10.03 -0.07 42.67
C LEU D 371 10.31 0.99 43.73
N LEU D 372 10.88 2.13 43.35
CA LEU D 372 11.14 3.19 44.31
C LEU D 372 10.09 4.29 44.26
N CYS D 373 9.12 4.18 43.37
CA CYS D 373 8.07 5.19 43.29
C CYS D 373 6.70 4.56 43.56
N PHE D 374 6.64 3.23 43.68
CA PHE D 374 5.35 2.62 43.94
C PHE D 374 5.37 1.64 45.10
N ALA D 375 6.53 1.05 45.37
CA ALA D 375 6.59 -0.03 46.34
C ALA D 375 6.49 0.41 47.80
N PRO D 376 7.05 1.55 48.22
CA PRO D 376 6.88 1.95 49.63
C PRO D 376 5.43 2.10 50.06
N TYR D 377 4.60 2.72 49.23
CA TYR D 377 3.19 2.92 49.58
C TYR D 377 2.47 1.59 49.71
N HIS D 378 2.70 0.68 48.76
CA HIS D 378 2.06 -0.62 48.80
C HIS D 378 2.60 -1.48 49.93
N VAL D 379 3.86 -1.28 50.31
CA VAL D 379 4.44 -2.01 51.44
C VAL D 379 3.78 -1.57 52.73
N LEU D 380 3.63 -0.25 52.92
CA LEU D 380 2.94 0.24 54.11
C LEU D 380 1.47 -0.19 54.11
N LEU D 381 0.84 -0.21 52.93
CA LEU D 381 -0.53 -0.66 52.82
C LEU D 381 -0.67 -2.12 53.23
N LEU D 382 0.25 -2.96 52.76
CA LEU D 382 0.27 -4.36 53.16
C LEU D 382 0.50 -4.51 54.66
N TRP D 383 1.40 -3.67 55.20
CA TRP D 383 1.66 -3.71 56.64
C TRP D 383 0.40 -3.39 57.42
N ARG D 384 -0.36 -2.38 56.97
CA ARG D 384 -1.61 -2.05 57.65
C ARG D 384 -2.63 -3.18 57.54
N SER D 385 -2.72 -3.82 56.37
CA SER D 385 -3.66 -4.93 56.22
C SER D 385 -3.31 -6.09 57.14
N VAL D 386 -2.03 -6.44 57.23
CA VAL D 386 -1.63 -7.54 58.13
C VAL D 386 -1.74 -7.09 59.58
N LEU D 387 -1.68 -5.79 59.84
CA LEU D 387 -1.92 -5.30 61.19
C LEU D 387 -3.37 -5.52 61.58
N PHE D 388 -4.30 -5.23 60.68
CA PHE D 388 -5.71 -5.56 60.88
C PHE D 388 -5.97 -7.05 60.93
N LEU D 389 -5.14 -7.86 60.27
CA LEU D 389 -5.41 -9.29 60.18
C LEU D 389 -5.62 -9.92 61.55
N ILE D 390 -4.90 -9.43 62.56
CA ILE D 390 -5.02 -9.98 63.90
C ILE D 390 -6.03 -9.17 64.70
N ASN D 391 -5.76 -7.88 64.84
CA ASN D 391 -6.56 -7.00 65.70
C ASN D 391 -7.51 -6.11 64.90
N PRO D 392 -8.82 -6.21 65.10
CA PRO D 392 -9.76 -5.31 64.41
C PRO D 392 -9.95 -3.99 65.12
N CYS D 393 -9.64 -2.89 64.42
CA CYS D 393 -10.02 -1.53 64.79
C CYS D 393 -9.44 -1.06 66.12
N ASP D 394 -8.61 -1.88 66.75
CA ASP D 394 -7.99 -1.48 68.01
C ASP D 394 -6.49 -1.34 67.90
N CYS D 395 -5.89 -1.82 66.81
CA CYS D 395 -4.44 -1.73 66.66
C CYS D 395 -3.96 -0.29 66.68
N GLY D 396 -4.73 0.61 66.10
CA GLY D 396 -4.36 2.01 66.04
C GLY D 396 -3.14 2.26 65.18
N GLY D 397 -3.15 1.76 63.94
CA GLY D 397 -2.00 1.91 63.07
C GLY D 397 -1.65 3.36 62.79
N GLU D 398 -2.53 4.30 63.15
CA GLU D 398 -2.24 5.72 63.03
C GLU D 398 -1.02 6.11 63.86
N GLU D 399 -0.65 5.30 64.85
CA GLU D 399 0.36 5.71 65.82
C GLU D 399 1.73 5.92 65.17
N ASN D 400 2.11 5.06 64.22
CA ASN D 400 3.44 5.14 63.64
C ASN D 400 3.42 4.88 62.14
N LEU D 401 2.24 4.90 61.52
CA LEU D 401 2.15 4.55 60.11
C LEU D 401 1.49 5.65 59.29
N PHE D 402 0.64 6.46 59.92
CA PHE D 402 -0.25 7.34 59.17
C PHE D 402 0.52 8.43 58.43
N GLY D 403 1.42 9.12 59.14
CA GLY D 403 2.23 10.13 58.48
C GLY D 403 3.13 9.54 57.41
N ALA D 404 3.70 8.37 57.69
CA ALA D 404 4.49 7.68 56.67
C ALA D 404 3.63 7.29 55.48
N TYR D 405 2.39 6.86 55.72
CA TYR D 405 1.49 6.57 54.61
C TYR D 405 1.23 7.81 53.77
N HIS D 406 1.00 8.94 54.43
CA HIS D 406 0.74 10.18 53.72
C HIS D 406 1.97 10.71 52.99
N VAL D 407 3.18 10.33 53.41
CA VAL D 407 4.38 10.73 52.67
C VAL D 407 4.64 9.79 51.49
N THR D 408 4.34 8.50 51.63
CA THR D 408 4.45 7.60 50.48
C THR D 408 3.37 7.89 49.45
N LEU D 409 2.22 8.41 49.88
CA LEU D 409 1.23 8.86 48.91
C LEU D 409 1.77 9.96 48.03
N ALA D 410 2.50 10.91 48.62
CA ALA D 410 3.16 11.94 47.82
C ALA D 410 4.27 11.35 46.97
N LEU D 411 5.00 10.37 47.52
CA LEU D 411 6.07 9.72 46.78
C LEU D 411 5.55 9.05 45.51
N THR D 412 4.35 8.46 45.59
CA THR D 412 3.75 7.80 44.44
C THR D 412 3.58 8.73 43.25
N SER D 413 3.36 10.03 43.49
CA SER D 413 3.07 10.96 42.40
C SER D 413 4.26 11.13 41.46
N LEU D 414 5.47 10.81 41.92
CA LEU D 414 6.65 11.04 41.09
C LEU D 414 6.67 10.17 39.85
N ASN D 415 5.90 9.09 39.83
CA ASN D 415 5.87 8.22 38.65
C ASN D 415 5.22 8.92 37.46
N CYS D 416 4.20 9.74 37.71
CA CYS D 416 3.58 10.49 36.62
C CYS D 416 4.57 11.44 35.96
N VAL D 417 5.60 11.85 36.67
CA VAL D 417 6.66 12.68 36.10
C VAL D 417 7.77 11.83 35.50
N ALA D 418 8.05 10.66 36.09
CA ALA D 418 9.13 9.81 35.59
C ALA D 418 8.77 9.13 34.27
N ASP D 419 7.51 8.72 34.12
CA ASP D 419 7.09 8.00 32.90
C ASP D 419 7.33 8.74 31.60
N PRO D 420 6.91 9.99 31.41
CA PRO D 420 7.19 10.65 30.13
C PRO D 420 8.66 10.94 29.91
N ILE D 421 9.46 10.94 30.98
CA ILE D 421 10.90 11.12 30.83
C ILE D 421 11.57 9.80 30.46
N LEU D 422 11.24 8.73 31.20
CA LEU D 422 11.88 7.45 30.98
C LEU D 422 11.45 6.84 29.64
N TYR D 423 10.15 6.83 29.36
CA TYR D 423 9.63 6.08 28.23
C TYR D 423 9.61 6.88 26.94
N CYS D 424 9.69 8.20 26.99
CA CYS D 424 9.65 8.99 25.77
C CYS D 424 10.96 9.76 25.55
N PHE D 425 11.37 10.56 26.52
CA PHE D 425 12.46 11.51 26.32
C PHE D 425 13.81 10.83 26.18
N VAL D 426 13.97 9.63 26.73
CA VAL D 426 15.25 8.92 26.67
C VAL D 426 15.59 8.58 25.23
N ASN D 427 14.62 8.08 24.48
CA ASN D 427 14.87 7.65 23.11
C ASN D 427 15.12 8.86 22.21
N GLU D 428 15.98 8.68 21.21
CA GLU D 428 16.30 9.77 20.28
C GLU D 428 15.12 10.05 19.35
N GLY D 429 14.44 9.00 18.89
CA GLY D 429 13.34 9.19 17.96
C GLY D 429 12.21 10.00 18.54
N ALA D 430 11.80 9.67 19.77
CA ALA D 430 10.73 10.42 20.41
C ALA D 430 11.18 11.84 20.73
N ARG D 431 12.47 12.03 21.02
CA ARG D 431 13.00 13.36 21.23
C ARG D 431 12.88 14.20 19.96
N HIS D 432 13.25 13.63 18.81
CA HIS D 432 13.08 14.34 17.56
C HIS D 432 11.61 14.64 17.30
N ASP D 433 10.74 13.68 17.64
CA ASP D 433 9.30 13.86 17.44
C ASP D 433 8.78 15.04 18.24
N VAL D 434 9.10 15.10 19.53
CA VAL D 434 8.62 16.20 20.36
C VAL D 434 9.26 17.50 19.95
N GLY D 435 10.51 17.45 19.48
CA GLY D 435 11.15 18.64 18.97
C GLY D 435 10.41 19.23 17.79
N ARG D 436 10.06 18.38 16.81
CA ARG D 436 9.28 18.85 15.67
C ARG D 436 7.93 19.37 16.12
N ALA D 437 7.27 18.67 17.04
CA ALA D 437 5.96 19.08 17.50
C ALA D 437 6.01 20.46 18.13
N LEU D 438 6.94 20.67 19.06
CA LEU D 438 7.05 21.96 19.74
C LEU D 438 7.45 23.06 18.76
N ALA D 439 8.37 22.77 17.85
CA ALA D 439 8.80 23.77 16.87
C ALA D 439 7.63 24.20 15.99
N THR D 440 6.84 23.24 15.51
CA THR D 440 5.72 23.59 14.65
C THR D 440 4.61 24.29 15.43
N LEU D 441 4.44 23.94 16.71
CA LEU D 441 3.44 24.60 17.53
C LEU D 441 3.82 26.06 17.76
N LEU D 442 5.09 26.32 18.04
CA LEU D 442 5.55 27.69 18.22
C LEU D 442 5.53 28.44 16.90
N GLY D 443 5.76 27.75 15.79
CA GLY D 443 5.78 28.41 14.49
C GLY D 443 4.43 29.00 14.10
N LEU D 444 3.36 28.27 14.34
CA LEU D 444 2.02 28.76 14.02
C LEU D 444 1.53 29.71 15.10
N ASN E 5 36.95 -5.23 -35.07
CA ASN E 5 36.86 -3.86 -35.57
C ASN E 5 35.60 -3.68 -36.42
N THR E 6 35.11 -4.78 -36.99
CA THR E 6 33.90 -4.73 -37.81
C THR E 6 32.67 -4.35 -36.99
N ALA E 7 32.69 -4.56 -35.68
CA ALA E 7 31.55 -4.23 -34.83
C ALA E 7 31.56 -2.77 -34.40
N SER E 8 32.68 -2.29 -33.85
CA SER E 8 32.75 -0.91 -33.37
C SER E 8 32.58 0.08 -34.51
N ILE E 9 33.18 -0.20 -35.67
CA ILE E 9 33.05 0.71 -36.81
C ILE E 9 31.60 0.76 -37.29
N ALA E 10 30.90 -0.38 -37.28
CA ALA E 10 29.50 -0.40 -37.68
C ALA E 10 28.64 0.45 -36.75
N GLN E 11 28.84 0.32 -35.44
CA GLN E 11 28.09 1.11 -34.50
C GLN E 11 28.41 2.60 -34.64
N ALA E 12 29.70 2.92 -34.86
CA ALA E 12 30.07 4.32 -35.06
C ALA E 12 29.41 4.91 -36.29
N ARG E 13 29.39 4.15 -37.39
CA ARG E 13 28.76 4.67 -38.61
C ARG E 13 27.25 4.78 -38.45
N LYS E 14 26.64 3.85 -37.70
CA LYS E 14 25.21 3.95 -37.43
C LYS E 14 24.90 5.19 -36.59
N LEU E 15 25.73 5.45 -35.58
CA LEU E 15 25.54 6.65 -34.77
C LEU E 15 25.72 7.92 -35.60
N VAL E 16 26.71 7.92 -36.49
CA VAL E 16 26.93 9.07 -37.36
C VAL E 16 25.71 9.30 -38.26
N GLU E 17 25.19 8.22 -38.84
CA GLU E 17 24.03 8.34 -39.72
C GLU E 17 22.81 8.83 -38.95
N GLN E 18 22.60 8.32 -37.73
CA GLN E 18 21.50 8.79 -36.91
C GLN E 18 21.65 10.27 -36.57
N LEU E 19 22.88 10.70 -36.27
CA LEU E 19 23.10 12.10 -35.94
C LEU E 19 22.82 13.00 -37.12
N LYS E 20 23.28 12.62 -38.32
CA LYS E 20 22.99 13.48 -39.48
C LYS E 20 21.52 13.43 -39.86
N MET E 21 20.84 12.31 -39.59
CA MET E 21 19.39 12.28 -39.76
C MET E 21 18.71 13.24 -38.79
N GLU E 22 19.18 13.28 -37.55
CA GLU E 22 18.68 14.24 -36.57
C GLU E 22 19.05 15.67 -36.92
N ALA E 23 20.04 15.87 -37.79
CA ALA E 23 20.50 17.21 -38.12
C ALA E 23 19.62 17.93 -39.13
N ASN E 24 18.75 17.21 -39.85
CA ASN E 24 17.95 17.82 -40.91
C ASN E 24 16.56 18.26 -40.44
N ILE E 25 16.23 18.07 -39.17
CA ILE E 25 14.94 18.53 -38.67
C ILE E 25 14.92 20.05 -38.60
N ASP E 26 13.87 20.65 -39.16
CA ASP E 26 13.73 22.10 -39.19
C ASP E 26 13.38 22.59 -37.79
N ARG E 27 14.39 23.00 -37.03
CA ARG E 27 14.18 23.54 -35.69
C ARG E 27 13.69 24.98 -35.78
N ILE E 28 12.46 25.20 -35.36
CA ILE E 28 11.85 26.52 -35.44
C ILE E 28 12.39 27.40 -34.31
N LYS E 29 12.11 28.69 -34.40
CA LYS E 29 12.59 29.63 -33.41
C LYS E 29 11.99 29.31 -32.04
N VAL E 30 12.84 29.37 -31.02
CA VAL E 30 12.37 29.11 -29.66
C VAL E 30 11.38 30.17 -29.20
N SER E 31 11.53 31.40 -29.68
CA SER E 31 10.62 32.46 -29.28
C SER E 31 9.19 32.17 -29.75
N LYS E 32 9.03 31.83 -31.03
CA LYS E 32 7.69 31.59 -31.56
C LYS E 32 7.08 30.32 -30.97
N ALA E 33 7.89 29.28 -30.79
CA ALA E 33 7.39 28.05 -30.18
C ALA E 33 6.97 28.28 -28.73
N ALA E 34 7.77 29.04 -27.97
CA ALA E 34 7.39 29.37 -26.61
C ALA E 34 6.12 30.21 -26.56
N ALA E 35 5.98 31.15 -27.51
CA ALA E 35 4.76 31.94 -27.58
C ALA E 35 3.55 31.06 -27.90
N ASP E 36 3.73 30.08 -28.79
CA ASP E 36 2.63 29.16 -29.09
C ASP E 36 2.26 28.32 -27.88
N LEU E 37 3.26 27.84 -27.15
CA LEU E 37 2.98 27.10 -25.92
C LEU E 37 2.25 27.97 -24.91
N MET E 38 2.66 29.23 -24.80
CA MET E 38 1.99 30.18 -23.91
C MET E 38 0.55 30.43 -24.33
N ALA E 39 0.31 30.57 -25.63
CA ALA E 39 -1.06 30.80 -26.11
C ALA E 39 -1.93 29.58 -25.86
N TYR E 40 -1.40 28.38 -26.07
CA TYR E 40 -2.14 27.17 -25.72
C TYR E 40 -2.43 27.11 -24.24
N CYS E 41 -1.45 27.49 -23.42
CA CYS E 41 -1.63 27.52 -21.98
C CYS E 41 -2.72 28.50 -21.57
N GLU E 42 -2.76 29.67 -22.20
CA GLU E 42 -3.69 30.72 -21.79
C GLU E 42 -5.09 30.51 -22.37
N ALA E 43 -5.22 29.78 -23.47
CA ALA E 43 -6.54 29.55 -24.06
C ALA E 43 -7.34 28.55 -23.23
N HIS E 44 -6.67 27.54 -22.67
CA HIS E 44 -7.32 26.47 -21.94
C HIS E 44 -7.25 26.66 -20.43
N ALA E 45 -6.87 27.84 -19.96
CA ALA E 45 -6.71 28.05 -18.52
C ALA E 45 -8.03 27.92 -17.78
N LYS E 46 -9.15 28.26 -18.43
CA LYS E 46 -10.45 28.15 -17.80
C LYS E 46 -10.96 26.71 -17.76
N GLU E 47 -10.53 25.85 -18.69
CA GLU E 47 -10.90 24.45 -18.69
C GLU E 47 -10.00 23.61 -17.78
N ASP E 48 -9.34 24.25 -16.83
CA ASP E 48 -8.43 23.57 -15.92
C ASP E 48 -8.98 23.62 -14.50
N PRO E 49 -9.64 22.57 -14.02
CA PRO E 49 -10.13 22.57 -12.64
C PRO E 49 -9.03 22.65 -11.60
N LEU E 50 -7.80 22.30 -11.96
CA LEU E 50 -6.69 22.33 -11.02
C LEU E 50 -6.05 23.71 -10.94
N LEU E 51 -5.89 24.38 -12.08
CA LEU E 51 -5.35 25.74 -12.08
C LEU E 51 -6.31 26.71 -11.40
N THR E 52 -7.58 26.69 -11.81
CA THR E 52 -8.60 27.54 -11.21
C THR E 52 -9.62 26.64 -10.52
N PRO E 53 -9.54 26.49 -9.20
CA PRO E 53 -10.43 25.58 -8.49
C PRO E 53 -11.89 25.70 -8.92
N VAL E 54 -12.50 24.55 -9.18
CA VAL E 54 -13.89 24.48 -9.62
C VAL E 54 -14.81 24.69 -8.42
N PRO E 55 -15.96 25.33 -8.59
CA PRO E 55 -16.92 25.40 -7.48
C PRO E 55 -17.34 24.01 -7.03
N ALA E 56 -17.60 23.89 -5.72
CA ALA E 56 -17.87 22.58 -5.12
C ALA E 56 -19.20 21.98 -5.57
N SER E 57 -20.06 22.74 -6.24
CA SER E 57 -21.34 22.20 -6.67
C SER E 57 -21.17 21.05 -7.66
N GLU E 58 -20.39 21.28 -8.71
CA GLU E 58 -20.11 20.25 -9.71
C GLU E 58 -18.80 19.52 -9.46
N ASN E 59 -18.14 19.81 -8.35
CA ASN E 59 -16.92 19.08 -8.00
C ASN E 59 -17.29 17.67 -7.58
N PRO E 60 -16.82 16.63 -8.28
CA PRO E 60 -17.20 15.26 -7.94
C PRO E 60 -16.40 14.65 -6.79
N PHE E 61 -15.39 15.35 -6.28
CA PHE E 61 -14.61 14.87 -5.15
C PHE E 61 -14.92 15.64 -3.88
N ARG E 62 -16.08 16.29 -3.82
CA ARG E 62 -16.47 17.07 -2.65
C ARG E 62 -16.64 16.18 -1.42
#